data_8VUL
#
_entry.id   8VUL
#
_cell.length_a   1.00
_cell.length_b   1.00
_cell.length_c   1.00
_cell.angle_alpha   90.00
_cell.angle_beta   90.00
_cell.angle_gamma   90.00
#
_symmetry.space_group_name_H-M   'P 1'
#
loop_
_entity.id
_entity.type
_entity.pdbx_description
1 polymer 'Glutamate receptor ionotropic, NMDA 1'
2 polymer 'Glutamate receptor ionotropic, NMDA 2A'
3 polymer '003-102 Heavy'
4 polymer '003-102 Light'
#
loop_
_entity_poly.entity_id
_entity_poly.type
_entity_poly.pdbx_seq_one_letter_code
_entity_poly.pdbx_strand_id
1 'polypeptide(L)'
;KIVNIGAVLSTRKHEQMFREAVNQANKRHGSWKIQLNATSVTHKPNAIQMALSVCEDLISSQVYAILVSHPPTPNDHFTP
TPVSYTAGFYRIPVLGLTTRMSIYSDKSIHLSFLRTVPPYSHQSSVWFEMMRVYSWNHIILLVSDDHEGRAAQKRLETLL
EERESKAEKVLQFDPGTKNVTALLMEAKELEARVIILSASEDDAATVYRAAAMLNMTGSGYVWLVGEREISGNALRYAPD
GILGLQLINGKNESAHISDAVGVVAQAVHELLEKENITDPPRGCVGNTNIWKTGPLFKRVLMSSKYADGVTGRVEFNEDG
DRKFANYSIMNLQNRKLVQVGIYNGTHVIPNDRKIIWPGGETEKPRGYQ
;
A
2 'polypeptide(L)'
;LNIAVMLGHSHDVTERELRTLWGPEQAAGLPLDVNVVALLMNRTDPKSLITHVCDLMSGARIHGLVFGDDTDQEAVAQML
DFISSHTFVPILGIHGGASMIMADKDPTSTFFQFGASIQQQATVMLKIMQDYDWHVFSLVTTIFPGYREFISFVKTTVDN
SFVGWDMQNVITLDTSFEDAKTQVQLKKIHSSVILLYCSKDEAVLILSEARSLGLTGYDFFWIVPSLVSGNTELIPKEFP
SGLISVSYDDWDYSLEARVRDGIGILTTAASSMLEKFSYIPEAKASCYGQMERPEVPMHTLHPFMVNVTWDGKDLSFTEE
GYQVHPRLVVIVLNKDREWEKVGKWENHTLSLRHAVWPRYKSFSDC
;
B
3 'polypeptide(L)'
;LQLQESGPGLVKPSQTLSLTCTVSGGSISSSNWWSWVRQPPGKGLEWIGEIYHSGNTNYNPSLKSRVTVSVDKSKNQFSL
KLTSVTAADTAVYYCARDVSGGVNWFDPWGQGTLVTVSS
;
H
4 'polypeptide(L)'
;NFMLTQPHSVSESPGKTVTISCTRSSGSIASNYVQWYQQRPGSAPTTVIYEDNQRPSGVPDRFSGSIDSSSNSASLTISG
LKTEDEADYYCQSYDSSTVVFGGGTKLTV
;
L
#
# COMPACT_ATOMS: atom_id res chain seq x y z
N LYS A 1 -36.42 -17.02 -9.36
CA LYS A 1 -35.29 -16.24 -9.84
C LYS A 1 -33.98 -16.72 -9.22
N ILE A 2 -32.87 -16.49 -9.92
CA ILE A 2 -31.55 -16.85 -9.44
C ILE A 2 -30.64 -15.63 -9.57
N VAL A 3 -29.72 -15.49 -8.61
CA VAL A 3 -28.67 -14.49 -8.66
C VAL A 3 -27.34 -15.20 -8.44
N ASN A 4 -26.31 -14.74 -9.15
CA ASN A 4 -25.02 -15.41 -9.16
C ASN A 4 -23.90 -14.40 -8.92
N ILE A 5 -22.94 -14.77 -8.07
CA ILE A 5 -21.79 -13.93 -7.76
C ILE A 5 -20.56 -14.54 -8.40
N GLY A 6 -19.62 -13.67 -8.78
CA GLY A 6 -18.41 -14.11 -9.43
C GLY A 6 -17.17 -14.00 -8.56
N ALA A 7 -16.16 -14.81 -8.85
CA ALA A 7 -14.93 -14.79 -8.07
C ALA A 7 -13.73 -14.85 -9.01
N VAL A 8 -12.64 -14.23 -8.58
CA VAL A 8 -11.36 -14.24 -9.31
C VAL A 8 -10.32 -14.73 -8.30
N LEU A 9 -10.08 -16.04 -8.29
CA LEU A 9 -9.18 -16.65 -7.31
C LEU A 9 -7.95 -17.21 -8.02
N SER A 10 -6.90 -17.46 -7.24
CA SER A 10 -5.61 -17.89 -7.75
C SER A 10 -5.26 -19.32 -7.38
N THR A 11 -6.23 -20.10 -6.91
CA THR A 11 -6.00 -21.49 -6.54
C THR A 11 -7.23 -22.32 -6.87
N ARG A 12 -7.02 -23.44 -7.55
CA ARG A 12 -8.13 -24.35 -7.83
C ARG A 12 -8.71 -24.95 -6.56
N LYS A 13 -7.85 -25.29 -5.60
CA LYS A 13 -8.32 -25.83 -4.33
C LYS A 13 -9.26 -24.85 -3.63
N HIS A 14 -8.95 -23.55 -3.72
CA HIS A 14 -9.85 -22.54 -3.16
C HIS A 14 -11.22 -22.61 -3.81
N GLU A 15 -11.27 -22.89 -5.11
CA GLU A 15 -12.56 -23.08 -5.78
C GLU A 15 -13.35 -24.19 -5.12
N GLN A 16 -12.67 -25.23 -4.63
CA GLN A 16 -13.35 -26.28 -3.88
C GLN A 16 -13.98 -25.71 -2.61
N MET A 17 -13.24 -24.86 -1.89
CA MET A 17 -13.79 -24.23 -0.70
C MET A 17 -14.88 -23.22 -1.05
N PHE A 18 -14.60 -22.34 -2.01
CA PHE A 18 -15.55 -21.29 -2.37
C PHE A 18 -16.91 -21.87 -2.74
N ARG A 19 -16.92 -22.88 -3.62
CA ARG A 19 -18.16 -23.57 -3.95
C ARG A 19 -18.85 -24.07 -2.70
N GLU A 20 -18.10 -24.77 -1.84
CA GLU A 20 -18.67 -25.24 -0.58
C GLU A 20 -19.33 -24.08 0.16
N ALA A 21 -18.66 -22.93 0.20
CA ALA A 21 -19.21 -21.76 0.88
C ALA A 21 -20.60 -21.43 0.35
N VAL A 22 -20.73 -21.29 -0.97
CA VAL A 22 -22.06 -20.97 -1.49
C VAL A 22 -22.99 -22.17 -1.31
N ASN A 23 -22.44 -23.38 -1.36
CA ASN A 23 -23.24 -24.56 -1.03
C ASN A 23 -23.71 -24.48 0.41
N GLN A 24 -22.88 -23.96 1.31
CA GLN A 24 -23.32 -23.69 2.66
C GLN A 24 -24.20 -22.46 2.73
N ALA A 25 -24.02 -21.51 1.80
CA ALA A 25 -24.82 -20.29 1.84
C ALA A 25 -26.28 -20.57 1.49
N ASN A 26 -26.52 -21.30 0.41
CA ASN A 26 -27.88 -21.68 0.04
C ASN A 26 -28.26 -23.04 0.62
N LYS A 27 -28.01 -23.20 1.91
CA LYS A 27 -28.46 -24.34 2.70
C LYS A 27 -29.10 -23.92 4.01
N ARG A 28 -28.58 -22.87 4.64
CA ARG A 28 -29.13 -22.41 5.91
C ARG A 28 -30.52 -21.84 5.75
N HIS A 29 -30.72 -21.00 4.73
CA HIS A 29 -32.01 -20.33 4.53
C HIS A 29 -32.14 -20.00 3.04
N GLY A 30 -32.86 -20.85 2.31
CA GLY A 30 -33.09 -20.66 0.90
C GLY A 30 -34.44 -21.17 0.43
N SER A 31 -34.43 -21.96 -0.63
CA SER A 31 -35.56 -22.72 -1.18
C SER A 31 -36.58 -21.87 -1.93
N TRP A 32 -36.34 -20.58 -2.14
CA TRP A 32 -37.24 -19.76 -2.94
C TRP A 32 -36.52 -18.51 -3.41
N LYS A 33 -36.36 -18.38 -4.74
CA LYS A 33 -35.87 -17.19 -5.43
C LYS A 33 -34.42 -16.86 -5.11
N ILE A 34 -33.74 -17.63 -4.27
CA ILE A 34 -32.38 -17.29 -3.86
C ILE A 34 -31.45 -18.45 -4.25
N GLN A 35 -31.73 -19.08 -5.38
CA GLN A 35 -30.87 -20.16 -5.86
C GLN A 35 -29.56 -19.55 -6.35
N LEU A 36 -28.57 -19.51 -5.47
CA LEU A 36 -27.28 -18.88 -5.78
C LEU A 36 -26.44 -19.78 -6.67
N ASN A 37 -25.78 -19.17 -7.64
CA ASN A 37 -24.82 -19.84 -8.50
C ASN A 37 -23.45 -19.19 -8.34
N ALA A 38 -22.40 -19.98 -8.54
CA ALA A 38 -21.02 -19.51 -8.39
C ALA A 38 -20.29 -19.65 -9.71
N THR A 39 -19.69 -18.56 -10.17
CA THR A 39 -18.87 -18.54 -11.37
C THR A 39 -17.49 -18.01 -11.01
N SER A 40 -16.45 -18.76 -11.39
CA SER A 40 -15.10 -18.42 -10.98
C SER A 40 -14.17 -18.43 -12.19
N VAL A 41 -13.14 -17.59 -12.12
CA VAL A 41 -12.09 -17.52 -13.11
C VAL A 41 -10.74 -17.63 -12.39
N THR A 42 -9.66 -17.54 -13.16
CA THR A 42 -8.31 -17.65 -12.61
C THR A 42 -7.49 -16.43 -13.02
N HIS A 43 -6.48 -16.13 -12.20
CA HIS A 43 -5.61 -14.99 -12.46
C HIS A 43 -4.74 -15.25 -13.69
N LYS A 44 -4.42 -14.16 -14.40
CA LYS A 44 -3.58 -14.23 -15.59
C LYS A 44 -2.27 -13.47 -15.35
N PRO A 45 -1.14 -14.03 -15.80
CA PRO A 45 0.12 -13.28 -15.65
C PRO A 45 0.10 -11.92 -16.32
N ASN A 46 -0.55 -11.81 -17.48
CA ASN A 46 -0.70 -10.53 -18.15
C ASN A 46 -1.81 -9.71 -17.50
N ALA A 47 -1.64 -8.40 -17.48
CA ALA A 47 -2.61 -7.50 -16.86
C ALA A 47 -3.65 -6.99 -17.84
N ILE A 48 -3.30 -6.84 -19.12
CA ILE A 48 -4.24 -6.31 -20.10
C ILE A 48 -5.40 -7.29 -20.33
N GLN A 49 -5.09 -8.57 -20.47
CA GLN A 49 -6.10 -9.57 -20.79
C GLN A 49 -7.11 -9.80 -19.68
N MET A 50 -6.83 -9.30 -18.47
CA MET A 50 -7.74 -9.53 -17.34
C MET A 50 -9.09 -8.86 -17.56
N ALA A 51 -9.10 -7.63 -18.07
CA ALA A 51 -10.35 -6.88 -18.21
C ALA A 51 -11.26 -7.49 -19.28
N LEU A 52 -10.67 -7.93 -20.40
CA LEU A 52 -11.46 -8.54 -21.46
C LEU A 52 -12.21 -9.75 -20.92
N SER A 53 -11.49 -10.65 -20.23
CA SER A 53 -12.12 -11.82 -19.64
C SER A 53 -13.08 -11.45 -18.52
N VAL A 54 -12.77 -10.41 -17.76
CA VAL A 54 -13.64 -10.07 -16.63
C VAL A 54 -14.98 -9.58 -17.13
N CYS A 55 -15.01 -8.76 -18.19
CA CYS A 55 -16.36 -8.42 -18.64
C CYS A 55 -16.93 -9.49 -19.56
N GLU A 56 -16.11 -10.40 -20.09
CA GLU A 56 -16.67 -11.55 -20.79
C GLU A 56 -17.48 -12.41 -19.82
N ASP A 57 -16.95 -12.64 -18.61
CA ASP A 57 -17.70 -13.39 -17.61
C ASP A 57 -18.84 -12.55 -17.04
N LEU A 58 -18.68 -11.22 -17.00
CA LEU A 58 -19.79 -10.35 -16.66
C LEU A 58 -20.94 -10.50 -17.67
N ILE A 59 -20.60 -10.55 -18.96
CA ILE A 59 -21.61 -10.66 -20.00
C ILE A 59 -22.29 -12.02 -19.94
N SER A 60 -21.50 -13.09 -19.78
CA SER A 60 -22.07 -14.43 -19.82
C SER A 60 -22.94 -14.72 -18.61
N SER A 61 -22.66 -14.09 -17.47
CA SER A 61 -23.31 -14.46 -16.23
C SER A 61 -24.05 -13.32 -15.53
N GLN A 62 -23.90 -12.07 -15.98
CA GLN A 62 -24.49 -10.88 -15.37
C GLN A 62 -24.45 -10.96 -13.83
N VAL A 63 -23.22 -11.09 -13.32
CA VAL A 63 -23.02 -11.27 -11.89
C VAL A 63 -23.42 -10.02 -11.13
N TYR A 64 -23.63 -10.19 -9.82
CA TYR A 64 -24.02 -9.09 -8.94
C TYR A 64 -22.84 -8.53 -8.15
N ALA A 65 -21.96 -9.40 -7.67
CA ALA A 65 -20.78 -8.97 -6.92
C ALA A 65 -19.59 -9.83 -7.34
N ILE A 66 -18.40 -9.25 -7.25
CA ILE A 66 -17.16 -9.92 -7.65
C ILE A 66 -16.23 -9.97 -6.44
N LEU A 67 -15.68 -11.15 -6.18
CA LEU A 67 -14.77 -11.38 -5.06
C LEU A 67 -13.37 -11.58 -5.62
N VAL A 68 -12.49 -10.62 -5.39
CA VAL A 68 -11.14 -10.66 -5.91
C VAL A 68 -10.18 -11.09 -4.79
N SER A 69 -8.97 -11.46 -5.16
CA SER A 69 -7.97 -11.93 -4.21
C SER A 69 -6.58 -11.65 -4.76
N HIS A 70 -5.57 -11.93 -3.94
CA HIS A 70 -4.19 -11.63 -4.33
C HIS A 70 -3.44 -12.90 -4.70
N PRO A 71 -2.55 -12.81 -5.68
CA PRO A 71 -1.77 -13.99 -6.10
C PRO A 71 -0.53 -14.13 -5.24
N PRO A 72 0.17 -15.28 -5.31
CA PRO A 72 1.39 -15.45 -4.52
C PRO A 72 2.57 -14.66 -5.06
N THR A 73 2.58 -14.40 -6.37
CA THR A 73 3.64 -13.60 -6.98
C THR A 73 3.60 -12.18 -6.40
N PRO A 74 4.58 -11.80 -5.60
CA PRO A 74 4.46 -10.56 -4.83
C PRO A 74 4.72 -9.29 -5.61
N ASN A 75 3.65 -8.60 -6.01
CA ASN A 75 3.72 -7.18 -6.34
C ASN A 75 2.59 -6.46 -5.60
N ASP A 76 1.43 -7.13 -5.52
CA ASP A 76 0.30 -6.73 -4.67
C ASP A 76 -0.11 -5.26 -4.86
N HIS A 77 0.27 -4.64 -5.97
CA HIS A 77 0.00 -3.23 -6.20
C HIS A 77 -0.99 -2.98 -7.33
N PHE A 78 -0.91 -3.75 -8.42
CA PHE A 78 -1.80 -3.59 -9.55
C PHE A 78 -2.58 -4.86 -9.86
N THR A 79 -2.48 -5.88 -9.01
CA THR A 79 -3.19 -7.13 -9.28
C THR A 79 -4.70 -6.99 -9.33
N PRO A 80 -5.38 -6.28 -8.41
CA PRO A 80 -6.83 -6.10 -8.54
C PRO A 80 -7.25 -4.86 -9.31
N THR A 81 -6.29 -4.08 -9.81
CA THR A 81 -6.63 -2.85 -10.52
C THR A 81 -7.43 -3.09 -11.80
N PRO A 82 -7.06 -4.02 -12.69
CA PRO A 82 -7.88 -4.21 -13.90
C PRO A 82 -9.31 -4.64 -13.60
N VAL A 83 -9.51 -5.44 -12.56
CA VAL A 83 -10.86 -5.87 -12.21
C VAL A 83 -11.66 -4.69 -11.64
N SER A 84 -11.02 -3.87 -10.80
CA SER A 84 -11.74 -2.75 -10.20
C SER A 84 -12.06 -1.66 -11.23
N TYR A 85 -11.18 -1.45 -12.21
CA TYR A 85 -11.43 -0.42 -13.21
C TYR A 85 -12.58 -0.81 -14.14
N THR A 86 -12.57 -2.05 -14.63
CA THR A 86 -13.62 -2.47 -15.56
C THR A 86 -14.96 -2.61 -14.85
N ALA A 87 -14.99 -3.27 -13.70
CA ALA A 87 -16.24 -3.44 -12.97
C ALA A 87 -16.75 -2.14 -12.37
N GLY A 88 -15.89 -1.12 -12.25
CA GLY A 88 -16.33 0.17 -11.77
C GLY A 88 -17.14 0.95 -12.79
N PHE A 89 -17.03 0.59 -14.07
CA PHE A 89 -17.81 1.27 -15.10
C PHE A 89 -19.30 1.04 -14.88
N TYR A 90 -19.69 -0.19 -14.56
CA TYR A 90 -21.09 -0.54 -14.33
C TYR A 90 -21.50 -0.46 -12.86
N ARG A 91 -20.57 -0.07 -11.98
CA ARG A 91 -20.86 0.16 -10.57
C ARG A 91 -21.32 -1.10 -9.84
N ILE A 92 -20.92 -2.26 -10.34
CA ILE A 92 -21.19 -3.51 -9.62
C ILE A 92 -20.19 -3.62 -8.46
N PRO A 93 -20.65 -3.87 -7.24
CA PRO A 93 -19.73 -3.88 -6.10
C PRO A 93 -18.67 -4.96 -6.24
N VAL A 94 -17.44 -4.61 -5.85
CA VAL A 94 -16.30 -5.52 -5.86
C VAL A 94 -15.60 -5.39 -4.51
N LEU A 95 -15.47 -6.50 -3.79
CA LEU A 95 -14.86 -6.50 -2.47
C LEU A 95 -13.64 -7.40 -2.48
N GLY A 96 -12.51 -6.86 -2.02
CA GLY A 96 -11.29 -7.63 -1.95
C GLY A 96 -11.19 -8.47 -0.70
N LEU A 97 -10.13 -9.29 -0.64
CA LEU A 97 -9.92 -10.16 0.50
C LEU A 97 -8.55 -10.02 1.13
N THR A 98 -7.50 -9.86 0.33
CA THR A 98 -6.13 -9.82 0.83
C THR A 98 -5.40 -8.66 0.15
N THR A 99 -5.95 -7.46 0.28
CA THR A 99 -5.32 -6.24 -0.22
C THR A 99 -5.07 -5.29 0.93
N ARG A 100 -3.91 -4.63 0.92
CA ARG A 100 -3.52 -3.77 2.03
C ARG A 100 -3.08 -2.36 1.63
N MET A 101 -2.71 -2.12 0.37
CA MET A 101 -2.26 -0.79 -0.02
C MET A 101 -3.39 0.23 0.08
N SER A 102 -3.01 1.46 0.43
CA SER A 102 -3.97 2.52 0.76
C SER A 102 -4.47 3.30 -0.44
N ILE A 103 -3.96 3.03 -1.64
CA ILE A 103 -4.45 3.73 -2.82
C ILE A 103 -5.89 3.35 -3.10
N TYR A 104 -6.25 2.09 -2.86
CA TYR A 104 -7.61 1.62 -3.12
C TYR A 104 -8.62 2.17 -2.12
N SER A 105 -8.17 2.81 -1.04
CA SER A 105 -9.09 3.37 -0.06
C SER A 105 -9.78 4.63 -0.56
N ASP A 106 -9.18 5.34 -1.51
CA ASP A 106 -9.76 6.59 -2.02
C ASP A 106 -11.02 6.27 -2.81
N LYS A 107 -12.17 6.72 -2.29
CA LYS A 107 -13.45 6.45 -2.95
C LYS A 107 -13.66 7.30 -4.19
N SER A 108 -12.83 8.32 -4.41
CA SER A 108 -12.99 9.15 -5.60
C SER A 108 -12.55 8.42 -6.87
N ILE A 109 -11.46 7.65 -6.78
CA ILE A 109 -10.92 6.96 -7.95
C ILE A 109 -11.64 5.63 -8.12
N HIS A 110 -11.52 4.75 -7.15
CA HIS A 110 -12.18 3.44 -7.19
C HIS A 110 -13.57 3.61 -6.60
N LEU A 111 -14.56 3.78 -7.48
CA LEU A 111 -15.90 4.15 -7.04
C LEU A 111 -16.55 3.06 -6.21
N SER A 112 -16.44 1.80 -6.64
CA SER A 112 -17.08 0.67 -5.97
C SER A 112 -16.01 -0.34 -5.58
N PHE A 113 -15.57 -0.27 -4.33
CA PHE A 113 -14.55 -1.19 -3.83
C PHE A 113 -14.70 -1.31 -2.32
N LEU A 114 -14.67 -2.54 -1.83
CA LEU A 114 -14.72 -2.83 -0.40
C LEU A 114 -13.54 -3.72 -0.04
N ARG A 115 -13.14 -3.66 1.23
CA ARG A 115 -12.00 -4.42 1.71
C ARG A 115 -12.37 -5.17 2.99
N THR A 116 -11.71 -6.31 3.19
CA THR A 116 -11.92 -7.13 4.38
C THR A 116 -10.84 -6.90 5.44
N VAL A 117 -9.60 -6.66 5.02
CA VAL A 117 -8.51 -6.42 5.96
C VAL A 117 -8.22 -4.92 6.01
N PRO A 118 -7.86 -4.37 7.17
CA PRO A 118 -7.57 -2.93 7.24
C PRO A 118 -6.36 -2.59 6.39
N PRO A 119 -6.31 -1.38 5.83
CA PRO A 119 -5.20 -1.02 4.95
C PRO A 119 -3.92 -0.78 5.74
N TYR A 120 -2.82 -0.61 4.99
CA TYR A 120 -1.52 -0.38 5.62
C TYR A 120 -1.51 0.91 6.43
N SER A 121 -2.07 1.98 5.88
CA SER A 121 -2.12 3.25 6.59
C SER A 121 -3.32 3.30 7.54
N HIS A 122 -3.45 2.27 8.37
CA HIS A 122 -4.54 2.21 9.33
C HIS A 122 -4.10 1.69 10.69
N GLN A 123 -2.81 1.43 10.89
CA GLN A 123 -2.29 0.93 12.15
C GLN A 123 -1.75 2.05 13.05
N SER A 124 -1.89 3.31 12.63
CA SER A 124 -1.44 4.42 13.47
C SER A 124 -2.16 4.48 14.80
N SER A 125 -3.38 3.95 14.88
CA SER A 125 -4.09 3.89 16.15
C SER A 125 -3.33 3.01 17.15
N VAL A 126 -2.72 1.92 16.67
CA VAL A 126 -1.93 1.08 17.55
C VAL A 126 -0.74 1.84 18.09
N TRP A 127 -0.07 2.63 17.24
CA TRP A 127 1.05 3.43 17.70
C TRP A 127 0.60 4.48 18.72
N PHE A 128 -0.55 5.10 18.48
CA PHE A 128 -1.07 6.08 19.43
C PHE A 128 -1.40 5.44 20.77
N GLU A 129 -2.01 4.25 20.76
CA GLU A 129 -2.31 3.55 22.00
C GLU A 129 -1.04 3.15 22.74
N MET A 130 -0.03 2.70 22.00
CA MET A 130 1.25 2.36 22.62
C MET A 130 1.89 3.58 23.25
N MET A 131 1.84 4.71 22.55
CA MET A 131 2.37 5.95 23.10
C MET A 131 1.63 6.36 24.37
N ARG A 132 0.31 6.19 24.37
CA ARG A 132 -0.48 6.56 25.55
C ARG A 132 -0.15 5.65 26.73
N VAL A 133 -0.06 4.34 26.51
CA VAL A 133 0.16 3.43 27.62
C VAL A 133 1.60 3.56 28.15
N TYR A 134 2.58 3.72 27.27
CA TYR A 134 3.97 3.83 27.67
C TYR A 134 4.42 5.26 27.93
N SER A 135 3.55 6.24 27.69
CA SER A 135 3.80 7.65 28.04
C SER A 135 5.04 8.19 27.32
N TRP A 136 4.98 8.16 25.99
CA TRP A 136 5.99 8.79 25.14
C TRP A 136 5.32 9.94 24.40
N ASN A 137 5.71 11.17 24.73
CA ASN A 137 5.11 12.36 24.13
C ASN A 137 5.97 12.99 23.05
N HIS A 138 7.28 12.75 23.06
CA HIS A 138 8.19 13.32 22.09
C HIS A 138 8.61 12.22 21.12
N ILE A 139 8.18 12.34 19.86
CA ILE A 139 8.41 11.33 18.84
C ILE A 139 9.05 11.97 17.63
N ILE A 140 9.68 11.13 16.80
CA ILE A 140 10.28 11.54 15.55
C ILE A 140 9.69 10.68 14.44
N LEU A 141 9.05 11.33 13.47
CA LEU A 141 8.45 10.63 12.34
C LEU A 141 9.45 10.57 11.18
N LEU A 142 9.48 9.44 10.50
CA LEU A 142 10.41 9.21 9.39
C LEU A 142 9.70 8.35 8.37
N VAL A 143 9.29 8.95 7.24
CA VAL A 143 8.50 8.27 6.23
C VAL A 143 9.14 8.47 4.87
N SER A 144 8.59 7.77 3.89
CA SER A 144 9.05 7.84 2.51
C SER A 144 8.09 8.70 1.68
N ASP A 145 8.58 9.17 0.54
CA ASP A 145 7.81 10.03 -0.35
C ASP A 145 6.99 9.15 -1.29
N ASP A 146 5.78 8.82 -0.85
CA ASP A 146 4.86 8.02 -1.65
C ASP A 146 3.45 8.20 -1.08
N HIS A 147 2.48 7.54 -1.71
CA HIS A 147 1.10 7.65 -1.27
C HIS A 147 0.90 7.07 0.13
N GLU A 148 1.47 5.87 0.37
CA GLU A 148 1.29 5.22 1.65
C GLU A 148 1.89 6.04 2.79
N GLY A 149 3.13 6.52 2.58
CA GLY A 149 3.77 7.32 3.62
C GLY A 149 3.04 8.61 3.90
N ARG A 150 2.59 9.30 2.85
CA ARG A 150 1.86 10.55 3.04
C ARG A 150 0.54 10.30 3.76
N ALA A 151 -0.17 9.24 3.39
CA ALA A 151 -1.43 8.93 4.06
C ALA A 151 -1.22 8.61 5.53
N ALA A 152 -0.21 7.80 5.84
CA ALA A 152 0.08 7.48 7.23
C ALA A 152 0.48 8.72 8.02
N GLN A 153 1.30 9.58 7.41
CA GLN A 153 1.69 10.82 8.07
C GLN A 153 0.48 11.72 8.34
N LYS A 154 -0.42 11.83 7.37
CA LYS A 154 -1.61 12.65 7.55
C LYS A 154 -2.48 12.10 8.67
N ARG A 155 -2.70 10.79 8.68
CA ARG A 155 -3.55 10.20 9.72
C ARG A 155 -2.93 10.38 11.10
N LEU A 156 -1.62 10.14 11.22
CA LEU A 156 -0.97 10.30 12.52
C LEU A 156 -0.97 11.76 12.97
N GLU A 157 -0.78 12.69 12.02
CA GLU A 157 -0.81 14.11 12.37
C GLU A 157 -2.18 14.52 12.85
N THR A 158 -3.24 14.06 12.19
CA THR A 158 -4.59 14.36 12.67
C THR A 158 -4.84 13.76 14.04
N LEU A 159 -4.41 12.52 14.26
CA LEU A 159 -4.61 11.87 15.54
C LEU A 159 -3.90 12.62 16.65
N LEU A 160 -2.68 13.09 16.39
CA LEU A 160 -1.93 13.82 17.41
C LEU A 160 -2.49 15.23 17.61
N GLU A 161 -2.96 15.87 16.54
CA GLU A 161 -3.57 17.19 16.67
C GLU A 161 -4.91 17.13 17.38
N GLU A 162 -5.53 15.95 17.45
CA GLU A 162 -6.70 15.79 18.30
C GLU A 162 -6.37 16.08 19.76
N ARG A 163 -5.13 15.86 20.17
CA ARG A 163 -4.66 16.17 21.50
C ARG A 163 -3.97 17.54 21.58
N GLU A 164 -4.01 18.31 20.50
CA GLU A 164 -3.36 19.62 20.43
C GLU A 164 -1.85 19.51 20.67
N SER A 165 -1.26 18.44 20.16
CA SER A 165 0.17 18.22 20.25
C SER A 165 0.69 17.78 18.88
N LYS A 166 1.93 18.15 18.58
CA LYS A 166 2.55 17.86 17.30
C LYS A 166 3.80 17.03 17.48
N ALA A 167 4.25 16.42 16.39
CA ALA A 167 5.48 15.65 16.39
C ALA A 167 6.69 16.59 16.36
N GLU A 168 7.80 16.11 16.95
CA GLU A 168 9.01 16.93 17.00
C GLU A 168 9.55 17.22 15.61
N LYS A 169 9.54 16.22 14.73
CA LYS A 169 10.03 16.40 13.37
C LYS A 169 9.37 15.36 12.48
N VAL A 170 9.35 15.66 11.17
CA VAL A 170 8.78 14.77 10.17
C VAL A 170 9.79 14.72 9.03
N LEU A 171 10.57 13.64 8.98
CA LEU A 171 11.54 13.44 7.91
C LEU A 171 10.90 12.67 6.77
N GLN A 172 11.20 13.08 5.54
CA GLN A 172 10.72 12.42 4.34
C GLN A 172 11.93 12.05 3.49
N PHE A 173 12.13 10.75 3.25
CA PHE A 173 13.27 10.27 2.50
C PHE A 173 12.82 9.70 1.16
N ASP A 174 13.64 9.91 0.13
CA ASP A 174 13.32 9.48 -1.22
C ASP A 174 13.25 7.96 -1.30
N PRO A 175 12.14 7.37 -1.73
CA PRO A 175 12.10 5.91 -1.90
C PRO A 175 13.11 5.43 -2.92
N GLY A 176 13.69 4.27 -2.65
CA GLY A 176 14.67 3.69 -3.57
C GLY A 176 15.94 4.51 -3.70
N THR A 177 16.45 5.04 -2.59
CA THR A 177 17.67 5.82 -2.59
C THR A 177 18.86 4.92 -2.28
N LYS A 178 20.05 5.55 -2.20
CA LYS A 178 21.27 4.82 -1.88
C LYS A 178 22.14 5.49 -0.83
N ASN A 179 21.91 6.77 -0.52
CA ASN A 179 22.67 7.48 0.51
C ASN A 179 21.68 8.13 1.46
N VAL A 180 21.72 7.71 2.73
CA VAL A 180 20.77 8.18 3.73
C VAL A 180 21.45 8.91 4.88
N THR A 181 22.77 8.77 5.03
CA THR A 181 23.47 9.21 6.23
C THR A 181 23.23 10.68 6.55
N ALA A 182 23.00 11.52 5.55
CA ALA A 182 22.79 12.94 5.81
C ALA A 182 21.53 13.19 6.65
N LEU A 183 20.40 12.62 6.22
CA LEU A 183 19.14 12.83 6.93
C LEU A 183 19.18 12.24 8.33
N LEU A 184 19.74 11.03 8.47
CA LEU A 184 19.79 10.39 9.77
C LEU A 184 20.75 11.12 10.71
N MET A 185 21.85 11.64 10.17
CA MET A 185 22.75 12.46 10.97
C MET A 185 22.06 13.74 11.44
N GLU A 186 21.27 14.36 10.55
CA GLU A 186 20.51 15.54 10.95
C GLU A 186 19.52 15.21 12.05
N ALA A 187 18.85 14.07 11.95
CA ALA A 187 17.88 13.67 12.96
C ALA A 187 18.55 13.20 14.24
N LYS A 188 19.84 12.86 14.19
CA LYS A 188 20.53 12.38 15.38
C LYS A 188 20.61 13.45 16.47
N GLU A 189 20.90 14.69 16.08
CA GLU A 189 21.08 15.78 17.03
C GLU A 189 19.72 16.45 17.28
N LEU A 190 18.95 15.86 18.19
CA LEU A 190 17.64 16.37 18.56
C LEU A 190 17.39 16.03 20.01
N GLU A 191 16.13 16.18 20.45
CA GLU A 191 15.74 15.89 21.82
C GLU A 191 14.98 14.57 21.95
N ALA A 192 14.00 14.33 21.07
CA ALA A 192 13.21 13.11 21.16
C ALA A 192 14.05 11.89 20.80
N ARG A 193 13.63 10.74 21.31
CA ARG A 193 14.32 9.47 21.07
C ARG A 193 13.45 8.45 20.35
N VAL A 194 12.14 8.46 20.56
CA VAL A 194 11.26 7.51 19.89
C VAL A 194 11.28 7.78 18.39
N ILE A 195 11.54 6.73 17.60
CA ILE A 195 11.62 6.82 16.15
C ILE A 195 10.58 5.88 15.56
N ILE A 196 9.71 6.42 14.70
CA ILE A 196 8.65 5.66 14.07
C ILE A 196 8.95 5.58 12.59
N LEU A 197 9.02 4.35 12.06
CA LEU A 197 9.39 4.10 10.68
C LEU A 197 8.21 3.51 9.93
N SER A 198 8.03 3.92 8.68
CA SER A 198 6.95 3.40 7.83
C SER A 198 7.39 3.56 6.38
N ALA A 199 7.84 2.46 5.79
CA ALA A 199 8.33 2.45 4.40
C ALA A 199 8.42 1.00 3.94
N SER A 200 8.95 0.80 2.73
CA SER A 200 9.07 -0.53 2.14
C SER A 200 10.32 -1.23 2.64
N GLU A 201 10.32 -2.56 2.50
CA GLU A 201 11.40 -3.38 3.05
C GLU A 201 12.72 -3.11 2.32
N ASP A 202 12.68 -2.93 0.99
CA ASP A 202 13.90 -2.77 0.22
C ASP A 202 14.70 -1.56 0.71
N ASP A 203 14.01 -0.44 0.93
CA ASP A 203 14.66 0.73 1.51
C ASP A 203 14.77 0.65 3.03
N ALA A 204 13.95 -0.17 3.68
CA ALA A 204 14.10 -0.36 5.12
C ALA A 204 15.43 -1.01 5.45
N ALA A 205 15.90 -1.92 4.59
CA ALA A 205 17.21 -2.51 4.79
C ALA A 205 18.31 -1.45 4.73
N THR A 206 18.21 -0.54 3.76
CA THR A 206 19.19 0.55 3.66
C THR A 206 19.12 1.46 4.88
N VAL A 207 17.91 1.75 5.36
CA VAL A 207 17.75 2.61 6.53
C VAL A 207 18.40 1.95 7.75
N TYR A 208 18.14 0.64 7.94
CA TYR A 208 18.73 -0.06 9.07
C TYR A 208 20.25 -0.09 8.97
N ARG A 209 20.78 -0.36 7.77
CA ARG A 209 22.22 -0.42 7.60
C ARG A 209 22.87 0.94 7.87
N ALA A 210 22.25 2.02 7.41
CA ALA A 210 22.78 3.35 7.69
C ALA A 210 22.70 3.69 9.17
N ALA A 211 21.57 3.34 9.82
CA ALA A 211 21.40 3.68 11.23
C ALA A 211 22.37 2.92 12.12
N ALA A 212 22.62 1.64 11.80
CA ALA A 212 23.49 0.83 12.64
C ALA A 212 24.93 1.34 12.68
N MET A 213 25.36 2.09 11.67
CA MET A 213 26.73 2.59 11.63
C MET A 213 26.92 3.77 12.57
N LEU A 214 25.90 4.63 12.70
CA LEU A 214 26.04 5.87 13.46
C LEU A 214 25.92 5.69 14.96
N ASN A 215 25.94 4.46 15.46
CA ASN A 215 25.85 4.16 16.89
C ASN A 215 24.63 4.81 17.52
N MET A 216 23.55 4.94 16.76
CA MET A 216 22.34 5.58 17.26
C MET A 216 21.29 4.56 17.71
N THR A 217 21.39 3.31 17.24
CA THR A 217 20.47 2.25 17.65
C THR A 217 20.97 1.49 18.88
N GLY A 218 21.80 2.11 19.70
CA GLY A 218 22.31 1.46 20.89
C GLY A 218 21.31 1.46 22.03
N SER A 219 21.81 1.61 23.26
CA SER A 219 20.94 1.62 24.43
C SER A 219 20.28 2.98 24.60
N GLY A 220 19.14 2.98 25.27
CA GLY A 220 18.41 4.20 25.57
C GLY A 220 17.47 4.68 24.49
N TYR A 221 17.40 4.01 23.34
CA TYR A 221 16.51 4.39 22.26
C TYR A 221 15.29 3.48 22.23
N VAL A 222 14.30 3.88 21.44
CA VAL A 222 13.06 3.14 21.25
C VAL A 222 12.71 3.15 19.78
N TRP A 223 12.44 1.97 19.21
CA TRP A 223 12.09 1.82 17.81
C TRP A 223 10.69 1.24 17.69
N LEU A 224 9.87 1.85 16.84
CA LEU A 224 8.57 1.32 16.47
C LEU A 224 8.47 1.32 14.95
N VAL A 225 7.96 0.23 14.39
CA VAL A 225 7.79 0.08 12.95
C VAL A 225 6.40 -0.47 12.67
N GLY A 226 6.12 -0.71 11.40
CA GLY A 226 4.86 -1.27 10.95
C GLY A 226 4.94 -2.77 10.80
N GLU A 227 4.39 -3.28 9.70
CA GLU A 227 4.38 -4.71 9.41
C GLU A 227 5.29 -5.09 8.26
N ARG A 228 5.40 -4.24 7.23
CA ARG A 228 6.25 -4.56 6.09
C ARG A 228 7.72 -4.65 6.50
N GLU A 229 8.18 -3.74 7.36
CA GLU A 229 9.59 -3.70 7.73
C GLU A 229 10.03 -4.90 8.54
N ILE A 230 9.09 -5.63 9.14
CA ILE A 230 9.45 -6.80 9.93
C ILE A 230 9.61 -8.02 9.03
N SER A 231 8.65 -8.24 8.14
CA SER A 231 8.72 -9.38 7.24
C SER A 231 9.64 -9.09 6.06
N GLY A 232 10.03 -10.15 5.36
CA GLY A 232 10.87 -10.01 4.20
C GLY A 232 12.35 -10.18 4.52
N ASN A 233 13.17 -9.68 3.59
CA ASN A 233 14.62 -9.76 3.74
C ASN A 233 15.18 -8.68 4.64
N ALA A 234 14.35 -7.73 5.10
CA ALA A 234 14.80 -6.62 5.93
C ALA A 234 15.06 -7.04 7.37
N LEU A 235 15.04 -8.34 7.68
CA LEU A 235 15.32 -8.81 9.03
C LEU A 235 16.80 -9.09 9.27
N ARG A 236 17.64 -8.99 8.24
CA ARG A 236 19.06 -9.21 8.41
C ARG A 236 19.69 -8.15 9.30
N TYR A 237 19.32 -6.89 9.09
CA TYR A 237 19.97 -5.76 9.75
C TYR A 237 19.11 -5.15 10.85
N ALA A 238 18.00 -5.79 11.20
CA ALA A 238 17.12 -5.23 12.21
C ALA A 238 17.77 -5.32 13.59
N PRO A 239 17.89 -4.20 14.31
CA PRO A 239 18.47 -4.24 15.65
C PRO A 239 17.50 -4.85 16.65
N ASP A 240 18.03 -5.17 17.83
CA ASP A 240 17.22 -5.82 18.85
C ASP A 240 16.18 -4.86 19.42
N GLY A 241 15.12 -5.44 19.98
CA GLY A 241 14.11 -4.67 20.66
C GLY A 241 13.24 -3.79 19.78
N ILE A 242 13.14 -4.11 18.49
CA ILE A 242 12.33 -3.32 17.57
C ILE A 242 10.88 -3.79 17.66
N LEU A 243 10.02 -2.98 18.26
CA LEU A 243 8.62 -3.33 18.39
C LEU A 243 7.95 -3.32 17.01
N GLY A 244 7.08 -4.30 16.77
CA GLY A 244 6.39 -4.40 15.50
C GLY A 244 4.95 -4.86 15.70
N LEU A 245 4.17 -4.71 14.63
CA LEU A 245 2.76 -5.08 14.65
C LEU A 245 2.49 -6.13 13.58
N GLN A 246 1.54 -7.02 13.87
CA GLN A 246 1.16 -8.06 12.94
C GLN A 246 -0.35 -8.28 13.00
N LEU A 247 -0.95 -8.52 11.83
CA LEU A 247 -2.35 -8.89 11.78
C LEU A 247 -2.51 -10.35 12.21
N ILE A 248 -3.66 -10.66 12.81
CA ILE A 248 -3.87 -11.99 13.36
C ILE A 248 -4.33 -12.99 12.32
N ASN A 249 -4.89 -12.53 11.19
CA ASN A 249 -5.34 -13.40 10.12
C ASN A 249 -4.97 -12.81 8.77
N GLY A 250 -3.73 -12.34 8.65
CA GLY A 250 -3.30 -11.63 7.46
C GLY A 250 -3.12 -12.51 6.23
N LYS A 251 -2.92 -13.81 6.42
CA LYS A 251 -2.64 -14.71 5.30
C LYS A 251 -3.72 -15.75 5.05
N ASN A 252 -4.54 -16.09 6.04
CA ASN A 252 -5.59 -17.08 5.83
C ASN A 252 -6.60 -16.58 4.82
N GLU A 253 -7.00 -17.47 3.90
CA GLU A 253 -7.92 -17.10 2.83
C GLU A 253 -9.27 -17.80 2.90
N SER A 254 -9.34 -19.02 3.45
CA SER A 254 -10.61 -19.71 3.55
C SER A 254 -11.58 -18.96 4.46
N ALA A 255 -11.07 -18.44 5.58
CA ALA A 255 -11.91 -17.66 6.48
C ALA A 255 -12.44 -16.41 5.79
N HIS A 256 -11.59 -15.72 5.04
CA HIS A 256 -12.04 -14.54 4.31
C HIS A 256 -13.08 -14.90 3.25
N ILE A 257 -12.89 -16.04 2.58
CA ILE A 257 -13.85 -16.47 1.56
C ILE A 257 -15.21 -16.73 2.19
N SER A 258 -15.22 -17.46 3.31
CA SER A 258 -16.48 -17.73 4.00
C SER A 258 -17.12 -16.44 4.49
N ASP A 259 -16.32 -15.52 5.01
CA ASP A 259 -16.81 -14.22 5.46
C ASP A 259 -17.49 -13.47 4.33
N ALA A 260 -16.82 -13.37 3.18
CA ALA A 260 -17.37 -12.65 2.05
C ALA A 260 -18.64 -13.31 1.54
N VAL A 261 -18.65 -14.64 1.46
CA VAL A 261 -19.85 -15.35 1.00
C VAL A 261 -21.02 -15.07 1.94
N GLY A 262 -20.78 -15.14 3.25
CA GLY A 262 -21.85 -14.89 4.20
C GLY A 262 -22.39 -13.48 4.12
N VAL A 263 -21.50 -12.48 4.06
CA VAL A 263 -21.96 -11.10 4.05
C VAL A 263 -22.69 -10.79 2.75
N VAL A 264 -22.21 -11.33 1.63
CA VAL A 264 -22.87 -11.10 0.35
C VAL A 264 -24.25 -11.75 0.34
N ALA A 265 -24.37 -12.97 0.89
CA ALA A 265 -25.66 -13.62 0.95
C ALA A 265 -26.64 -12.84 1.83
N GLN A 266 -26.17 -12.35 2.98
CA GLN A 266 -27.04 -11.55 3.83
C GLN A 266 -27.48 -10.27 3.13
N ALA A 267 -26.54 -9.61 2.42
CA ALA A 267 -26.89 -8.39 1.70
C ALA A 267 -27.92 -8.65 0.62
N VAL A 268 -27.75 -9.73 -0.14
CA VAL A 268 -28.70 -10.01 -1.22
C VAL A 268 -30.06 -10.39 -0.65
N HIS A 269 -30.08 -11.11 0.49
CA HIS A 269 -31.34 -11.42 1.13
C HIS A 269 -32.06 -10.15 1.59
N GLU A 270 -31.30 -9.20 2.17
CA GLU A 270 -31.92 -7.96 2.63
C GLU A 270 -32.34 -7.07 1.47
N LEU A 271 -31.67 -7.17 0.32
CA LEU A 271 -31.95 -6.27 -0.79
C LEU A 271 -33.09 -6.77 -1.66
N LEU A 272 -33.17 -8.08 -1.89
CA LEU A 272 -34.18 -8.60 -2.81
C LEU A 272 -35.60 -8.46 -2.29
N GLU A 273 -35.78 -8.11 -1.02
CA GLU A 273 -37.12 -7.90 -0.47
C GLU A 273 -37.70 -6.54 -0.83
N LYS A 274 -36.93 -5.68 -1.50
CA LYS A 274 -37.39 -4.37 -1.91
C LYS A 274 -37.55 -4.33 -3.42
N GLU A 275 -38.66 -3.74 -3.88
CA GLU A 275 -38.98 -3.70 -5.30
C GLU A 275 -38.17 -2.61 -5.98
N ASN A 276 -38.51 -2.33 -7.25
CA ASN A 276 -37.85 -1.31 -8.06
C ASN A 276 -36.36 -1.59 -8.19
N ILE A 277 -36.04 -2.74 -8.82
CA ILE A 277 -34.67 -3.13 -9.09
C ILE A 277 -34.53 -3.47 -10.56
N THR A 278 -33.28 -3.42 -11.03
CA THR A 278 -32.97 -3.65 -12.44
C THR A 278 -31.79 -4.60 -12.53
N ASP A 279 -31.84 -5.52 -13.51
CA ASP A 279 -30.79 -6.50 -13.67
C ASP A 279 -29.50 -5.84 -14.17
N PRO A 280 -28.34 -6.44 -13.89
CA PRO A 280 -27.13 -5.96 -14.39
C PRO A 280 -27.14 -5.77 -15.91
N PRO A 281 -26.18 -5.02 -16.45
CA PRO A 281 -26.08 -4.93 -17.91
C PRO A 281 -25.73 -6.28 -18.51
N ARG A 282 -26.32 -6.56 -19.68
CA ARG A 282 -26.25 -7.90 -20.25
C ARG A 282 -24.86 -8.22 -20.79
N GLY A 283 -24.22 -7.26 -21.45
CA GLY A 283 -22.95 -7.53 -22.11
C GLY A 283 -21.92 -6.45 -21.84
N CYS A 284 -20.65 -6.87 -21.87
CA CYS A 284 -19.53 -5.92 -21.81
C CYS A 284 -19.51 -5.02 -23.04
N VAL A 285 -19.92 -5.54 -24.19
CA VAL A 285 -19.95 -4.77 -25.43
C VAL A 285 -21.35 -4.28 -25.78
N GLY A 286 -22.35 -4.57 -24.95
CA GLY A 286 -23.73 -4.27 -25.28
C GLY A 286 -24.07 -2.79 -25.34
N ASN A 287 -24.06 -2.14 -24.19
CA ASN A 287 -24.41 -0.72 -24.11
C ASN A 287 -23.68 -0.11 -22.93
N THR A 288 -23.58 1.23 -22.94
CA THR A 288 -22.88 1.98 -21.91
C THR A 288 -23.90 2.75 -21.09
N ASN A 289 -24.32 2.16 -19.97
CA ASN A 289 -25.25 2.79 -19.04
C ASN A 289 -24.73 2.54 -17.63
N ILE A 290 -25.57 2.85 -16.63
CA ILE A 290 -25.22 2.72 -15.23
C ILE A 290 -26.28 1.86 -14.55
N TRP A 291 -25.84 0.97 -13.65
CA TRP A 291 -26.76 0.16 -12.89
C TRP A 291 -27.67 1.06 -12.04
N LYS A 292 -28.96 0.74 -12.01
CA LYS A 292 -29.89 1.58 -11.27
C LYS A 292 -29.71 1.44 -9.77
N THR A 293 -29.51 0.21 -9.29
CA THR A 293 -29.42 -0.08 -7.86
C THR A 293 -27.99 -0.31 -7.39
N GLY A 294 -27.00 0.15 -8.15
CA GLY A 294 -25.61 0.03 -7.75
C GLY A 294 -25.31 0.68 -6.42
N PRO A 295 -25.50 2.00 -6.34
CA PRO A 295 -25.30 2.69 -5.05
C PRO A 295 -26.19 2.16 -3.94
N LEU A 296 -27.42 1.74 -4.25
CA LEU A 296 -28.27 1.14 -3.23
C LEU A 296 -27.67 -0.16 -2.71
N PHE A 297 -27.14 -0.99 -3.60
CA PHE A 297 -26.47 -2.23 -3.17
C PHE A 297 -25.24 -1.91 -2.33
N LYS A 298 -24.48 -0.90 -2.73
CA LYS A 298 -23.30 -0.53 -1.96
C LYS A 298 -23.68 -0.05 -0.55
N ARG A 299 -24.74 0.75 -0.45
CA ARG A 299 -25.19 1.23 0.85
C ARG A 299 -25.69 0.07 1.72
N VAL A 300 -26.47 -0.84 1.14
CA VAL A 300 -27.01 -1.94 1.92
C VAL A 300 -25.90 -2.91 2.32
N LEU A 301 -24.81 -2.97 1.54
CA LEU A 301 -23.66 -3.76 1.94
C LEU A 301 -22.89 -3.09 3.07
N MET A 302 -22.76 -1.76 3.00
CA MET A 302 -22.07 -1.02 4.07
C MET A 302 -22.81 -1.15 5.39
N SER A 303 -24.14 -1.04 5.35
CA SER A 303 -24.93 -1.09 6.57
C SER A 303 -25.04 -2.48 7.17
N SER A 304 -24.58 -3.51 6.47
CA SER A 304 -24.73 -4.89 6.93
C SER A 304 -23.64 -5.22 7.94
N LYS A 305 -24.03 -5.39 9.20
CA LYS A 305 -23.12 -5.81 10.26
C LYS A 305 -23.35 -7.29 10.53
N TYR A 306 -22.35 -8.12 10.21
CA TYR A 306 -22.48 -9.55 10.42
C TYR A 306 -22.49 -9.87 11.91
N ALA A 307 -23.29 -10.88 12.27
CA ALA A 307 -23.47 -11.21 13.68
C ALA A 307 -22.19 -11.78 14.28
N ASP A 308 -21.75 -12.92 13.76
CA ASP A 308 -20.53 -13.56 14.26
C ASP A 308 -20.06 -14.59 13.24
N GLY A 309 -18.76 -14.54 12.93
CA GLY A 309 -18.18 -15.48 12.00
C GLY A 309 -16.87 -16.05 12.51
N VAL A 310 -16.11 -16.71 11.62
CA VAL A 310 -14.83 -17.27 12.02
C VAL A 310 -13.81 -16.18 12.33
N THR A 311 -14.00 -14.96 11.81
CA THR A 311 -13.11 -13.84 12.07
C THR A 311 -13.81 -12.71 12.81
N GLY A 312 -14.79 -13.05 13.65
CA GLY A 312 -15.48 -12.05 14.44
C GLY A 312 -16.44 -11.21 13.60
N ARG A 313 -16.89 -10.12 14.22
CA ARG A 313 -17.82 -9.21 13.57
C ARG A 313 -17.16 -8.54 12.37
N VAL A 314 -17.98 -8.20 11.38
CA VAL A 314 -17.49 -7.74 10.08
C VAL A 314 -18.07 -6.36 9.83
N GLU A 315 -18.24 -5.58 10.89
CA GLU A 315 -18.84 -4.26 10.78
C GLU A 315 -17.92 -3.33 9.99
N PHE A 316 -18.40 -2.85 8.85
CA PHE A 316 -17.66 -1.87 8.07
C PHE A 316 -17.85 -0.47 8.65
N ASN A 317 -17.08 0.48 8.11
CA ASN A 317 -17.21 1.89 8.44
C ASN A 317 -17.64 2.64 7.18
N GLU A 318 -17.81 3.95 7.31
CA GLU A 318 -18.22 4.76 6.16
C GLU A 318 -17.02 5.12 5.30
N ASP A 319 -16.20 4.13 4.96
CA ASP A 319 -15.09 4.30 4.04
C ASP A 319 -14.90 3.15 3.06
N GLY A 320 -15.42 1.96 3.36
CA GLY A 320 -15.14 0.78 2.58
C GLY A 320 -14.14 -0.17 3.18
N ASP A 321 -13.71 0.05 4.43
CA ASP A 321 -12.74 -0.77 5.11
C ASP A 321 -13.41 -1.53 6.25
N ARG A 322 -12.60 -2.27 7.00
CA ARG A 322 -13.07 -3.05 8.14
C ARG A 322 -12.69 -2.36 9.44
N LYS A 323 -13.56 -2.49 10.44
CA LYS A 323 -13.37 -1.90 11.75
C LYS A 323 -13.21 -3.00 12.79
N PHE A 324 -12.53 -2.67 13.89
CA PHE A 324 -12.36 -3.56 15.05
C PHE A 324 -11.65 -4.85 14.64
N ALA A 325 -10.40 -4.68 14.23
CA ALA A 325 -9.53 -5.79 13.86
C ALA A 325 -8.44 -5.95 14.90
N ASN A 326 -8.25 -7.18 15.39
CA ASN A 326 -7.25 -7.45 16.40
C ASN A 326 -5.84 -7.29 15.84
N TYR A 327 -4.90 -6.97 16.72
CA TYR A 327 -3.50 -6.85 16.35
C TYR A 327 -2.63 -7.57 17.37
N SER A 328 -1.46 -8.03 16.93
CA SER A 328 -0.47 -8.65 17.81
C SER A 328 0.79 -7.81 17.79
N ILE A 329 1.23 -7.38 18.96
CA ILE A 329 2.43 -6.58 19.13
C ILE A 329 3.57 -7.51 19.49
N MET A 330 4.56 -7.58 18.60
CA MET A 330 5.63 -8.56 18.67
C MET A 330 6.96 -7.84 18.86
N ASN A 331 7.76 -8.32 19.81
CA ASN A 331 9.14 -7.88 19.99
C ASN A 331 10.06 -9.04 19.69
N LEU A 332 11.15 -8.76 18.98
CA LEU A 332 12.10 -9.79 18.58
C LEU A 332 13.31 -9.76 19.50
N GLN A 333 13.61 -10.90 20.12
CA GLN A 333 14.75 -11.04 21.02
C GLN A 333 15.72 -12.04 20.42
N ASN A 334 16.96 -11.61 20.20
CA ASN A 334 18.02 -12.46 19.67
C ASN A 334 17.59 -13.13 18.36
N ARG A 335 17.11 -12.31 17.43
CA ARG A 335 16.69 -12.75 16.10
C ARG A 335 15.54 -13.75 16.15
N LYS A 336 14.68 -13.63 17.16
CA LYS A 336 13.51 -14.51 17.29
C LYS A 336 12.31 -13.68 17.71
N LEU A 337 11.22 -13.77 16.95
CA LEU A 337 10.01 -13.01 17.24
C LEU A 337 9.16 -13.72 18.27
N VAL A 338 8.72 -12.99 19.29
CA VAL A 338 7.82 -13.51 20.32
C VAL A 338 6.74 -12.49 20.58
N GLN A 339 5.48 -12.92 20.49
CA GLN A 339 4.36 -12.03 20.76
C GLN A 339 4.35 -11.61 22.22
N VAL A 340 4.13 -10.32 22.46
CA VAL A 340 4.21 -9.80 23.83
C VAL A 340 2.99 -8.94 24.17
N GLY A 341 2.22 -8.54 23.17
CA GLY A 341 1.03 -7.75 23.44
C GLY A 341 -0.07 -8.04 22.45
N ILE A 342 -1.29 -7.68 22.83
CA ILE A 342 -2.45 -7.86 21.94
C ILE A 342 -3.32 -6.63 22.01
N TYR A 343 -3.78 -6.17 20.85
CA TYR A 343 -4.57 -4.95 20.69
C TYR A 343 -5.97 -5.35 20.24
N ASN A 344 -6.95 -5.11 21.12
CA ASN A 344 -8.32 -5.52 20.83
C ASN A 344 -8.98 -4.65 19.78
N GLY A 345 -8.67 -3.35 19.77
CA GLY A 345 -9.32 -2.41 18.89
C GLY A 345 -9.54 -1.07 19.55
N THR A 346 -9.59 -1.07 20.89
CA THR A 346 -9.72 0.15 21.68
C THR A 346 -8.49 0.45 22.50
N HIS A 347 -8.03 -0.49 23.32
CA HIS A 347 -6.82 -0.32 24.10
C HIS A 347 -6.01 -1.61 24.07
N VAL A 348 -4.69 -1.47 23.96
CA VAL A 348 -3.79 -2.62 23.93
C VAL A 348 -3.58 -3.14 25.34
N ILE A 349 -3.25 -4.43 25.46
CA ILE A 349 -2.88 -5.00 26.75
C ILE A 349 -1.61 -5.83 26.58
N PRO A 350 -0.75 -5.88 27.59
CA PRO A 350 0.50 -6.65 27.48
C PRO A 350 0.33 -8.08 27.95
N ASN A 351 1.38 -8.88 27.82
CA ASN A 351 1.41 -10.26 28.26
C ASN A 351 2.41 -10.42 29.40
N ASP A 352 2.59 -11.67 29.84
CA ASP A 352 3.52 -11.98 30.92
C ASP A 352 4.89 -12.34 30.36
N ARG A 353 5.51 -11.37 29.70
CA ARG A 353 6.83 -11.53 29.11
C ARG A 353 7.53 -10.18 29.16
N LYS A 354 8.57 -10.07 29.99
CA LYS A 354 9.33 -8.83 30.08
C LYS A 354 10.10 -8.60 28.78
N ILE A 355 9.80 -7.51 28.09
CA ILE A 355 10.46 -7.24 26.82
C ILE A 355 11.93 -6.86 27.05
N ILE A 356 12.71 -6.96 25.98
CA ILE A 356 14.11 -6.55 25.98
C ILE A 356 14.23 -5.33 25.09
N TRP A 357 14.54 -4.19 25.68
CA TRP A 357 14.62 -2.95 24.93
C TRP A 357 15.91 -2.90 24.13
N PRO A 358 15.98 -2.05 23.11
CA PRO A 358 17.18 -1.99 22.27
C PRO A 358 18.44 -1.70 23.10
N GLY A 359 19.53 -2.34 22.70
CA GLY A 359 20.78 -2.20 23.44
C GLY A 359 20.83 -2.99 24.73
N GLY A 360 20.02 -4.02 24.87
CA GLY A 360 20.02 -4.83 26.08
C GLY A 360 19.19 -4.24 27.20
N GLU A 361 19.52 -4.62 28.44
CA GLU A 361 18.88 -4.19 29.68
C GLU A 361 17.36 -4.38 29.67
N THR A 362 16.72 -4.09 30.80
CA THR A 362 15.27 -4.21 30.94
C THR A 362 14.76 -3.10 31.85
N GLU A 363 14.15 -2.09 31.24
CA GLU A 363 13.66 -0.92 31.96
C GLU A 363 12.46 -0.37 31.20
N LYS A 364 12.11 0.88 31.48
CA LYS A 364 11.07 1.61 30.74
C LYS A 364 11.69 2.91 30.26
N PRO A 365 12.50 2.85 29.19
CA PRO A 365 13.18 4.07 28.72
C PRO A 365 12.19 5.14 28.32
N ARG A 366 12.56 6.39 28.61
CA ARG A 366 11.70 7.54 28.40
C ARG A 366 12.12 8.34 27.17
N GLY A 367 13.35 8.83 27.13
CA GLY A 367 13.85 9.51 25.96
C GLY A 367 13.84 11.03 26.07
N TYR A 368 15.00 11.61 26.36
CA TYR A 368 15.19 13.06 26.40
C TYR A 368 16.66 13.35 26.62
N GLN A 369 17.08 14.52 26.14
CA GLN A 369 18.46 14.98 26.31
C GLN A 369 18.70 15.41 27.76
N LEU B 1 5.81 11.89 -35.63
CA LEU B 1 5.98 11.29 -36.94
C LEU B 1 4.68 10.69 -37.44
N ASN B 2 3.89 10.15 -36.51
CA ASN B 2 2.59 9.55 -36.84
C ASN B 2 1.75 9.55 -35.59
N ILE B 3 0.72 10.40 -35.54
CA ILE B 3 -0.17 10.50 -34.40
C ILE B 3 -1.61 10.36 -34.91
N ALA B 4 -2.51 10.02 -33.99
CA ALA B 4 -3.89 9.73 -34.33
C ALA B 4 -4.82 10.54 -33.44
N VAL B 5 -6.00 10.87 -33.98
CA VAL B 5 -7.04 11.55 -33.24
C VAL B 5 -8.33 10.74 -33.39
N MET B 6 -9.24 10.91 -32.43
CA MET B 6 -10.51 10.21 -32.45
C MET B 6 -11.50 10.95 -31.58
N LEU B 7 -12.78 10.83 -31.92
CA LEU B 7 -13.84 11.46 -31.16
C LEU B 7 -15.15 10.74 -31.46
N GLY B 8 -16.16 11.01 -30.65
CA GLY B 8 -17.42 10.30 -30.72
C GLY B 8 -18.49 10.98 -31.55
N HIS B 9 -18.07 11.74 -32.57
CA HIS B 9 -18.95 12.41 -33.52
C HIS B 9 -20.14 13.11 -32.87
N SER B 10 -19.91 13.70 -31.69
CA SER B 10 -20.99 14.45 -31.03
C SER B 10 -21.29 15.74 -31.76
N HIS B 11 -20.29 16.62 -31.86
CA HIS B 11 -20.41 17.87 -32.61
C HIS B 11 -19.69 17.80 -33.96
N ASP B 12 -19.21 16.62 -34.35
CA ASP B 12 -18.47 16.44 -35.59
C ASP B 12 -19.34 15.94 -36.74
N VAL B 13 -20.67 15.94 -36.56
CA VAL B 13 -21.55 15.53 -37.64
C VAL B 13 -21.41 16.46 -38.84
N THR B 14 -21.33 17.77 -38.58
CA THR B 14 -21.12 18.75 -39.62
C THR B 14 -19.65 18.97 -39.95
N GLU B 15 -18.75 18.27 -39.26
CA GLU B 15 -17.31 18.39 -39.47
C GLU B 15 -16.68 17.01 -39.68
N ARG B 16 -17.41 16.12 -40.36
CA ARG B 16 -16.88 14.78 -40.62
C ARG B 16 -15.63 14.83 -41.48
N GLU B 17 -15.64 15.66 -42.52
CA GLU B 17 -14.48 15.82 -43.38
C GLU B 17 -13.50 16.87 -42.87
N LEU B 18 -13.87 17.63 -41.85
CA LEU B 18 -12.97 18.63 -41.28
C LEU B 18 -11.86 17.99 -40.45
N ARG B 19 -12.09 16.80 -39.89
CA ARG B 19 -11.04 16.13 -39.12
C ARG B 19 -9.83 15.83 -39.99
N THR B 20 -10.05 15.34 -41.21
CA THR B 20 -8.95 15.17 -42.14
C THR B 20 -8.42 16.50 -42.63
N LEU B 21 -9.31 17.49 -42.81
CA LEU B 21 -8.87 18.80 -43.26
C LEU B 21 -8.01 19.49 -42.21
N TRP B 22 -8.42 19.43 -40.93
CA TRP B 22 -7.68 20.08 -39.87
C TRP B 22 -6.41 19.29 -39.56
N GLY B 23 -5.52 19.93 -38.80
CA GLY B 23 -4.21 19.38 -38.53
C GLY B 23 -3.16 20.10 -39.36
N PRO B 24 -1.89 19.91 -39.03
CA PRO B 24 -0.82 20.60 -39.76
C PRO B 24 -0.65 20.04 -41.17
N GLU B 25 -1.13 20.78 -42.16
CA GLU B 25 -0.95 20.41 -43.56
C GLU B 25 -0.43 21.55 -44.41
N GLN B 26 -0.89 22.78 -44.16
CA GLN B 26 -0.40 23.94 -44.91
C GLN B 26 -0.20 25.17 -44.04
N ALA B 27 -0.30 25.04 -42.72
CA ALA B 27 -0.18 26.18 -41.80
C ALA B 27 0.70 25.80 -40.61
N ALA B 28 1.85 25.19 -40.88
CA ALA B 28 2.77 24.82 -39.82
C ALA B 28 4.17 24.73 -40.39
N GLY B 29 5.15 24.90 -39.49
CA GLY B 29 6.55 24.75 -39.83
C GLY B 29 7.30 24.01 -38.74
N LEU B 30 7.93 22.88 -39.08
CA LEU B 30 8.47 21.99 -38.07
C LEU B 30 9.43 20.99 -38.68
N PRO B 31 10.06 20.11 -37.87
CA PRO B 31 10.80 18.98 -38.44
C PRO B 31 9.87 17.95 -39.05
N LEU B 32 10.41 16.77 -39.39
CA LEU B 32 9.78 15.78 -40.26
C LEU B 32 8.25 15.72 -40.10
N ASP B 33 7.56 15.80 -41.23
CA ASP B 33 6.12 16.03 -41.24
C ASP B 33 5.37 14.89 -40.57
N VAL B 34 4.29 15.25 -39.88
CA VAL B 34 3.43 14.30 -39.20
C VAL B 34 2.08 14.27 -39.89
N ASN B 35 1.42 13.12 -39.84
CA ASN B 35 0.10 12.94 -40.43
C ASN B 35 -0.86 12.41 -39.38
N VAL B 36 -2.15 12.71 -39.57
CA VAL B 36 -3.19 12.37 -38.63
C VAL B 36 -3.96 11.17 -39.14
N VAL B 37 -4.09 10.14 -38.30
CA VAL B 37 -4.86 8.95 -38.62
C VAL B 37 -6.21 9.11 -37.92
N ALA B 38 -7.20 9.61 -38.65
CA ALA B 38 -8.50 9.90 -38.07
C ALA B 38 -9.25 8.62 -37.74
N LEU B 39 -10.23 8.76 -36.85
CA LEU B 39 -11.08 7.65 -36.44
C LEU B 39 -12.34 8.22 -35.80
N LEU B 40 -13.44 7.49 -35.92
CA LEU B 40 -14.73 7.93 -35.38
C LEU B 40 -15.33 6.75 -34.61
N MET B 41 -15.19 6.78 -33.29
CA MET B 41 -15.73 5.73 -32.44
C MET B 41 -17.19 6.01 -32.14
N ASN B 42 -18.07 5.04 -32.45
CA ASN B 42 -19.49 5.22 -32.22
C ASN B 42 -19.79 5.36 -30.73
N ARG B 43 -19.30 4.43 -29.91
CA ARG B 43 -19.54 4.45 -28.49
C ARG B 43 -18.35 3.80 -27.78
N THR B 44 -18.22 4.10 -26.49
CA THR B 44 -17.09 3.64 -25.69
C THR B 44 -17.55 2.52 -24.76
N ASP B 45 -16.92 1.37 -24.88
CA ASP B 45 -17.16 0.21 -24.04
C ASP B 45 -15.83 -0.35 -23.56
N PRO B 46 -15.80 -1.04 -22.42
CA PRO B 46 -14.52 -1.59 -21.93
C PRO B 46 -13.84 -2.51 -22.93
N LYS B 47 -14.60 -3.33 -23.65
CA LYS B 47 -14.02 -4.19 -24.68
C LYS B 47 -13.85 -3.48 -26.02
N SER B 48 -14.48 -2.32 -26.20
CA SER B 48 -14.34 -1.57 -27.45
C SER B 48 -13.12 -0.66 -27.43
N LEU B 49 -12.93 0.07 -26.34
CA LEU B 49 -11.78 0.97 -26.24
C LEU B 49 -10.46 0.18 -26.29
N ILE B 50 -10.40 -0.93 -25.56
CA ILE B 50 -9.18 -1.76 -25.57
C ILE B 50 -8.88 -2.25 -26.97
N THR B 51 -9.89 -2.81 -27.64
CA THR B 51 -9.67 -3.36 -28.98
C THR B 51 -9.27 -2.27 -29.97
N HIS B 52 -9.93 -1.11 -29.91
CA HIS B 52 -9.60 -0.03 -30.84
C HIS B 52 -8.17 0.47 -30.61
N VAL B 53 -7.78 0.67 -29.34
CA VAL B 53 -6.44 1.16 -29.06
C VAL B 53 -5.39 0.14 -29.48
N CYS B 54 -5.64 -1.14 -29.21
CA CYS B 54 -4.67 -2.17 -29.57
C CYS B 54 -4.55 -2.31 -31.09
N ASP B 55 -5.68 -2.22 -31.80
CA ASP B 55 -5.64 -2.29 -33.25
C ASP B 55 -4.87 -1.11 -33.83
N LEU B 56 -5.10 0.10 -33.29
CA LEU B 56 -4.35 1.26 -33.75
C LEU B 56 -2.86 1.10 -33.46
N MET B 57 -2.52 0.58 -32.29
CA MET B 57 -1.11 0.41 -31.92
C MET B 57 -0.42 -0.61 -32.82
N SER B 58 -1.09 -1.71 -33.14
CA SER B 58 -0.48 -2.79 -33.88
C SER B 58 -0.72 -2.71 -35.39
N GLY B 59 -1.43 -1.69 -35.86
CA GLY B 59 -1.70 -1.59 -37.29
C GLY B 59 -1.43 -0.21 -37.88
N ALA B 60 -1.06 0.75 -37.05
CA ALA B 60 -0.79 2.10 -37.51
C ALA B 60 0.51 2.70 -37.01
N ARG B 61 1.15 2.09 -36.01
CA ARG B 61 2.43 2.56 -35.46
C ARG B 61 2.32 4.01 -34.97
N ILE B 62 1.46 4.21 -33.97
CA ILE B 62 1.23 5.52 -33.39
C ILE B 62 2.02 5.63 -32.09
N HIS B 63 2.45 6.85 -31.79
CA HIS B 63 3.18 7.17 -30.56
C HIS B 63 2.61 8.43 -29.92
N GLY B 64 1.29 8.47 -29.80
CA GLY B 64 0.60 9.61 -29.23
C GLY B 64 -0.76 9.85 -29.87
N LEU B 65 -1.78 10.03 -29.04
CA LEU B 65 -3.13 10.21 -29.55
C LEU B 65 -3.89 11.13 -28.61
N VAL B 66 -4.89 11.81 -29.16
CA VAL B 66 -5.81 12.66 -28.39
C VAL B 66 -7.18 12.01 -28.41
N PHE B 67 -7.87 12.09 -27.27
CA PHE B 67 -9.15 11.40 -27.09
C PHE B 67 -10.19 12.34 -26.53
N GLY B 68 -11.35 12.40 -27.17
CA GLY B 68 -12.45 13.20 -26.67
C GLY B 68 -13.80 12.58 -26.97
N ASP B 69 -14.61 12.35 -25.93
CA ASP B 69 -15.93 11.75 -26.09
C ASP B 69 -16.94 12.51 -25.24
N ASP B 70 -18.17 12.59 -25.73
CA ASP B 70 -19.22 13.34 -25.06
C ASP B 70 -19.93 12.52 -23.98
N THR B 71 -19.52 11.28 -23.76
CA THR B 71 -20.14 10.46 -22.74
C THR B 71 -19.95 11.08 -21.36
N ASP B 72 -21.01 11.07 -20.55
CA ASP B 72 -20.98 11.64 -19.21
C ASP B 72 -20.36 10.70 -18.18
N GLN B 73 -20.03 9.47 -18.56
CA GLN B 73 -19.40 8.55 -17.63
C GLN B 73 -18.01 9.03 -17.25
N GLU B 74 -17.65 8.80 -15.99
CA GLU B 74 -16.39 9.28 -15.45
C GLU B 74 -15.26 8.25 -15.50
N ALA B 75 -15.59 6.96 -15.54
CA ALA B 75 -14.58 5.90 -15.54
C ALA B 75 -13.76 5.86 -16.82
N VAL B 76 -14.18 6.58 -17.86
CA VAL B 76 -13.45 6.56 -19.13
C VAL B 76 -12.02 7.08 -18.93
N ALA B 77 -11.86 8.14 -18.14
CA ALA B 77 -10.53 8.69 -17.91
C ALA B 77 -9.64 7.68 -17.19
N GLN B 78 -10.18 6.97 -16.21
CA GLN B 78 -9.38 5.99 -15.47
C GLN B 78 -9.02 4.80 -16.36
N MET B 79 -9.96 4.33 -17.18
CA MET B 79 -9.65 3.25 -18.10
C MET B 79 -8.57 3.68 -19.09
N LEU B 80 -8.66 4.91 -19.60
CA LEU B 80 -7.64 5.41 -20.51
C LEU B 80 -6.29 5.54 -19.81
N ASP B 81 -6.30 5.95 -18.53
CA ASP B 81 -5.05 6.04 -17.78
C ASP B 81 -4.41 4.67 -17.65
N PHE B 82 -5.22 3.65 -17.35
CA PHE B 82 -4.70 2.29 -17.27
C PHE B 82 -4.12 1.84 -18.61
N ILE B 83 -4.83 2.13 -19.70
CA ILE B 83 -4.36 1.76 -21.03
C ILE B 83 -3.02 2.43 -21.32
N SER B 84 -2.91 3.73 -21.03
CA SER B 84 -1.66 4.44 -21.28
C SER B 84 -0.54 3.91 -20.42
N SER B 85 -0.84 3.57 -19.16
CA SER B 85 0.19 3.04 -18.26
C SER B 85 0.73 1.72 -18.77
N HIS B 86 -0.15 0.85 -19.27
CA HIS B 86 0.28 -0.46 -19.75
C HIS B 86 0.65 -0.48 -21.24
N THR B 87 0.57 0.66 -21.92
CA THR B 87 0.90 0.73 -23.35
C THR B 87 2.13 1.58 -23.65
N PHE B 88 2.53 2.48 -22.75
CA PHE B 88 3.70 3.33 -22.94
C PHE B 88 3.54 4.26 -24.14
N VAL B 89 2.37 4.90 -24.23
CA VAL B 89 2.14 5.93 -25.25
C VAL B 89 1.49 7.13 -24.57
N PRO B 90 1.90 8.36 -24.89
CA PRO B 90 1.25 9.54 -24.30
C PRO B 90 -0.10 9.81 -24.93
N ILE B 91 -1.09 10.13 -24.08
CA ILE B 91 -2.45 10.39 -24.51
C ILE B 91 -2.93 11.69 -23.89
N LEU B 92 -3.86 12.35 -24.56
CA LEU B 92 -4.45 13.61 -24.12
C LEU B 92 -5.92 13.40 -23.75
N GLY B 93 -6.53 14.47 -23.22
CA GLY B 93 -7.88 14.42 -22.71
C GLY B 93 -8.73 15.62 -23.11
N ILE B 94 -8.54 16.10 -24.35
CA ILE B 94 -8.96 17.43 -24.78
C ILE B 94 -10.35 17.84 -24.31
N HIS B 95 -11.37 17.04 -24.61
CA HIS B 95 -12.75 17.47 -24.40
C HIS B 95 -13.62 16.30 -23.96
N GLY B 96 -14.63 16.61 -23.16
CA GLY B 96 -15.68 15.66 -22.86
C GLY B 96 -15.53 14.90 -21.56
N GLY B 97 -15.89 13.61 -21.58
CA GLY B 97 -15.83 12.81 -20.38
C GLY B 97 -14.42 12.65 -19.83
N ALA B 98 -13.45 12.48 -20.72
CA ALA B 98 -12.06 12.35 -20.29
C ALA B 98 -11.45 13.72 -20.05
N SER B 99 -12.11 14.53 -19.22
CA SER B 99 -11.60 15.85 -18.86
C SER B 99 -11.72 16.14 -17.37
N MET B 100 -12.34 15.26 -16.60
CA MET B 100 -12.38 15.42 -15.16
C MET B 100 -11.01 15.06 -14.58
N ILE B 101 -10.47 15.95 -13.74
CA ILE B 101 -9.11 15.79 -13.25
C ILE B 101 -9.08 14.65 -12.25
N MET B 102 -8.38 13.58 -12.60
CA MET B 102 -8.20 12.46 -11.67
C MET B 102 -7.34 12.88 -10.50
N ALA B 103 -7.66 12.36 -9.31
CA ALA B 103 -6.98 12.78 -8.09
C ALA B 103 -5.49 12.43 -8.15
N ASP B 104 -5.17 11.14 -8.22
CA ASP B 104 -3.79 10.67 -8.23
C ASP B 104 -3.61 9.69 -9.39
N LYS B 105 -2.63 9.96 -10.24
CA LYS B 105 -2.34 9.09 -11.37
C LYS B 105 -1.43 7.94 -10.95
N ASP B 106 -1.22 7.02 -11.89
CA ASP B 106 -0.29 5.92 -11.65
C ASP B 106 1.13 6.45 -11.56
N PRO B 107 2.02 5.76 -10.84
CA PRO B 107 3.40 6.26 -10.70
C PRO B 107 4.13 6.42 -12.02
N THR B 108 3.89 5.53 -12.98
CA THR B 108 4.56 5.55 -14.27
C THR B 108 3.57 5.80 -15.40
N SER B 109 2.57 6.63 -15.15
CA SER B 109 1.57 6.93 -16.17
C SER B 109 2.08 8.05 -17.09
N THR B 110 1.44 8.16 -18.25
CA THR B 110 1.75 9.16 -19.26
C THR B 110 0.48 9.83 -19.75
N PHE B 111 -0.38 10.21 -18.82
CA PHE B 111 -1.67 10.82 -19.12
C PHE B 111 -1.62 12.31 -18.81
N PHE B 112 -2.03 13.11 -19.79
CA PHE B 112 -2.09 14.56 -19.64
C PHE B 112 -3.49 15.03 -19.96
N GLN B 113 -4.10 15.78 -19.05
CA GLN B 113 -5.49 16.18 -19.17
C GLN B 113 -5.63 17.68 -19.40
N PHE B 114 -6.81 18.07 -19.88
CA PHE B 114 -7.17 19.47 -20.09
C PHE B 114 -8.34 19.77 -19.15
N GLY B 115 -8.02 20.21 -17.94
CA GLY B 115 -9.06 20.50 -16.97
C GLY B 115 -8.64 21.47 -15.89
N ALA B 116 -9.13 21.26 -14.67
CA ALA B 116 -8.82 22.16 -13.55
C ALA B 116 -9.08 21.40 -12.25
N SER B 117 -8.05 21.30 -11.42
CA SER B 117 -8.18 20.64 -10.13
C SER B 117 -9.02 21.49 -9.18
N ILE B 118 -9.39 20.89 -8.04
CA ILE B 118 -10.21 21.60 -7.07
C ILE B 118 -9.44 22.75 -6.43
N GLN B 119 -8.10 22.65 -6.42
CA GLN B 119 -7.29 23.70 -5.79
C GLN B 119 -7.43 25.03 -6.52
N GLN B 120 -7.39 24.99 -7.86
CA GLN B 120 -7.53 26.21 -8.64
C GLN B 120 -8.92 26.81 -8.48
N GLN B 121 -9.94 25.96 -8.40
CA GLN B 121 -11.30 26.44 -8.18
C GLN B 121 -11.40 27.13 -6.82
N ALA B 122 -10.80 26.53 -5.78
CA ALA B 122 -10.82 27.16 -4.47
C ALA B 122 -10.09 28.50 -4.49
N THR B 123 -8.96 28.57 -5.16
CA THR B 123 -8.20 29.82 -5.15
C THR B 123 -8.89 30.92 -5.97
N VAL B 124 -9.58 30.56 -7.06
CA VAL B 124 -10.33 31.58 -7.78
C VAL B 124 -11.55 32.02 -6.98
N MET B 125 -12.15 31.10 -6.21
CA MET B 125 -13.22 31.49 -5.31
C MET B 125 -12.74 32.49 -4.27
N LEU B 126 -11.58 32.23 -3.66
CA LEU B 126 -11.05 33.16 -2.68
C LEU B 126 -10.65 34.49 -3.31
N LYS B 127 -10.19 34.46 -4.57
CA LYS B 127 -9.93 35.71 -5.28
C LYS B 127 -11.20 36.51 -5.47
N ILE B 128 -12.30 35.85 -5.85
CA ILE B 128 -13.58 36.55 -5.98
C ILE B 128 -14.00 37.13 -4.62
N MET B 129 -13.85 36.34 -3.56
CA MET B 129 -14.23 36.80 -2.22
C MET B 129 -13.47 38.06 -1.83
N GLN B 130 -12.15 38.04 -1.99
CA GLN B 130 -11.36 39.22 -1.66
C GLN B 130 -11.59 40.37 -2.63
N ASP B 131 -12.10 40.09 -3.83
CA ASP B 131 -12.38 41.15 -4.78
C ASP B 131 -13.70 41.85 -4.52
N TYR B 132 -14.68 41.16 -3.94
CA TYR B 132 -16.00 41.74 -3.70
C TYR B 132 -16.23 42.06 -2.23
N ASP B 133 -15.17 42.22 -1.44
CA ASP B 133 -15.22 42.75 -0.08
C ASP B 133 -16.02 41.86 0.88
N TRP B 134 -16.26 40.60 0.52
CA TRP B 134 -16.86 39.66 1.44
C TRP B 134 -15.76 39.06 2.32
N HIS B 135 -15.95 39.10 3.64
CA HIS B 135 -14.88 38.74 4.57
C HIS B 135 -15.36 37.79 5.67
N VAL B 136 -16.49 37.12 5.47
CA VAL B 136 -16.96 36.12 6.42
C VAL B 136 -17.80 35.09 5.66
N PHE B 137 -17.46 33.82 5.81
CA PHE B 137 -18.12 32.76 5.07
C PHE B 137 -18.39 31.58 6.01
N SER B 138 -18.90 30.49 5.44
CA SER B 138 -19.24 29.30 6.23
C SER B 138 -19.24 28.11 5.29
N LEU B 139 -18.32 27.18 5.49
CA LEU B 139 -18.20 26.00 4.63
C LEU B 139 -19.30 24.99 4.93
N VAL B 140 -19.73 24.29 3.88
CA VAL B 140 -20.71 23.22 4.00
C VAL B 140 -20.27 22.10 3.05
N THR B 141 -19.82 20.97 3.61
CA THR B 141 -19.38 19.83 2.82
C THR B 141 -19.98 18.57 3.44
N THR B 142 -20.88 17.90 2.73
CA THR B 142 -21.64 16.82 3.36
C THR B 142 -20.91 15.48 3.38
N ILE B 143 -20.74 14.84 2.23
CA ILE B 143 -20.19 13.49 2.22
C ILE B 143 -19.21 13.24 1.08
N PHE B 144 -19.20 14.12 0.08
CA PHE B 144 -18.59 13.77 -1.20
C PHE B 144 -17.10 13.50 -1.04
N PRO B 145 -16.57 12.47 -1.71
CA PRO B 145 -15.15 12.13 -1.53
C PRO B 145 -14.23 13.25 -1.98
N GLY B 146 -13.10 13.37 -1.29
CA GLY B 146 -12.16 14.44 -1.54
C GLY B 146 -12.47 15.73 -0.83
N TYR B 147 -13.54 15.78 -0.03
CA TYR B 147 -13.89 17.01 0.68
C TYR B 147 -12.85 17.36 1.73
N ARG B 148 -12.14 16.37 2.28
CA ARG B 148 -11.13 16.66 3.29
C ARG B 148 -10.00 17.50 2.73
N GLU B 149 -9.56 17.19 1.51
CA GLU B 149 -8.52 17.99 0.87
C GLU B 149 -9.00 19.42 0.61
N PHE B 150 -10.24 19.57 0.17
CA PHE B 150 -10.80 20.90 -0.06
C PHE B 150 -10.83 21.71 1.23
N ILE B 151 -11.29 21.10 2.32
CA ILE B 151 -11.36 21.79 3.60
C ILE B 151 -9.96 22.16 4.08
N SER B 152 -9.00 21.22 3.94
CA SER B 152 -7.64 21.49 4.39
C SER B 152 -7.02 22.65 3.60
N PHE B 153 -7.23 22.66 2.27
CA PHE B 153 -6.68 23.75 1.46
C PHE B 153 -7.33 25.07 1.83
N VAL B 154 -8.65 25.07 2.05
CA VAL B 154 -9.32 26.31 2.43
C VAL B 154 -8.76 26.84 3.75
N LYS B 155 -8.60 25.96 4.73
CA LYS B 155 -8.06 26.37 6.03
C LYS B 155 -6.63 26.87 5.89
N THR B 156 -5.81 26.18 5.10
CA THR B 156 -4.43 26.60 4.92
C THR B 156 -4.34 27.97 4.26
N THR B 157 -5.15 28.21 3.24
CA THR B 157 -5.13 29.51 2.58
C THR B 157 -5.67 30.60 3.49
N VAL B 158 -6.67 30.29 4.31
CA VAL B 158 -7.18 31.28 5.27
C VAL B 158 -6.11 31.65 6.27
N ASP B 159 -5.37 30.66 6.78
CA ASP B 159 -4.33 30.92 7.77
C ASP B 159 -3.07 31.54 7.19
N ASN B 160 -2.96 31.64 5.86
CA ASN B 160 -1.74 32.09 5.20
C ASN B 160 -2.10 33.24 4.25
N SER B 161 -2.82 34.23 4.77
CA SER B 161 -3.23 35.37 3.98
C SER B 161 -3.13 36.64 4.81
N PHE B 162 -2.96 37.77 4.12
CA PHE B 162 -2.80 39.07 4.75
C PHE B 162 -4.03 39.96 4.58
N VAL B 163 -5.22 39.35 4.58
CA VAL B 163 -6.47 40.07 4.39
C VAL B 163 -7.40 39.94 5.58
N GLY B 164 -6.92 39.36 6.69
CA GLY B 164 -7.73 39.22 7.88
C GLY B 164 -8.95 38.34 7.69
N TRP B 165 -8.76 37.14 7.14
CA TRP B 165 -9.87 36.23 6.92
C TRP B 165 -10.57 35.91 8.24
N ASP B 166 -11.90 35.87 8.19
CA ASP B 166 -12.71 35.65 9.37
C ASP B 166 -13.58 34.40 9.21
N MET B 167 -12.97 33.30 8.79
CA MET B 167 -13.70 32.04 8.58
C MET B 167 -14.46 31.64 9.83
N GLN B 168 -15.78 31.53 9.70
CA GLN B 168 -16.65 31.19 10.82
C GLN B 168 -16.84 29.68 10.88
N ASN B 169 -17.82 29.23 11.67
CA ASN B 169 -18.01 27.82 11.93
C ASN B 169 -18.36 27.06 10.66
N VAL B 170 -17.79 25.87 10.52
CA VAL B 170 -18.10 24.97 9.41
C VAL B 170 -18.88 23.79 9.94
N ILE B 171 -19.59 23.11 9.04
CA ILE B 171 -20.43 21.97 9.40
C ILE B 171 -20.20 20.85 8.39
N THR B 172 -20.61 19.64 8.79
CA THR B 172 -20.52 18.47 7.95
C THR B 172 -21.83 17.70 8.06
N LEU B 173 -22.66 17.78 7.01
CA LEU B 173 -23.97 17.14 7.01
C LEU B 173 -23.79 15.67 6.61
N ASP B 174 -23.29 14.88 7.55
CA ASP B 174 -23.07 13.46 7.30
C ASP B 174 -24.38 12.73 7.03
N THR B 175 -25.42 13.05 7.81
CA THR B 175 -26.73 12.41 7.64
C THR B 175 -27.63 13.36 6.86
N SER B 176 -27.48 13.32 5.54
CA SER B 176 -28.28 14.17 4.66
C SER B 176 -29.74 13.72 4.68
N PHE B 177 -30.64 14.70 4.74
CA PHE B 177 -32.08 14.45 4.76
C PHE B 177 -32.46 13.52 5.92
N GLU B 178 -32.16 14.00 7.14
CA GLU B 178 -32.46 13.25 8.34
C GLU B 178 -33.36 13.99 9.33
N ASP B 179 -33.37 15.32 9.31
CA ASP B 179 -34.22 16.13 10.17
C ASP B 179 -33.95 15.86 11.66
N ALA B 180 -32.72 15.51 12.00
CA ALA B 180 -32.31 15.27 13.38
C ALA B 180 -31.29 16.30 13.86
N LYS B 181 -30.18 16.43 13.15
CA LYS B 181 -29.16 17.42 13.49
C LYS B 181 -28.90 18.41 12.37
N THR B 182 -29.37 18.14 11.15
CA THR B 182 -29.16 19.07 10.04
C THR B 182 -29.86 20.40 10.30
N GLN B 183 -31.06 20.37 10.89
CA GLN B 183 -31.79 21.59 11.15
C GLN B 183 -31.02 22.50 12.10
N VAL B 184 -30.57 21.98 13.24
CA VAL B 184 -29.86 22.80 14.21
C VAL B 184 -28.50 23.21 13.65
N GLN B 185 -27.84 22.32 12.91
CA GLN B 185 -26.54 22.67 12.34
C GLN B 185 -26.66 23.81 11.35
N LEU B 186 -27.71 23.80 10.51
CA LEU B 186 -27.93 24.91 9.58
C LEU B 186 -28.34 26.16 10.32
N LYS B 187 -29.15 26.03 11.38
CA LYS B 187 -29.53 27.18 12.17
C LYS B 187 -28.33 27.82 12.84
N LYS B 188 -27.28 27.03 13.10
CA LYS B 188 -26.06 27.56 13.71
C LYS B 188 -25.31 28.53 12.80
N ILE B 189 -25.63 28.56 11.51
CA ILE B 189 -24.95 29.46 10.58
C ILE B 189 -25.46 30.88 10.80
N HIS B 190 -24.54 31.80 11.10
CA HIS B 190 -24.88 33.21 11.27
C HIS B 190 -23.81 34.04 10.55
N SER B 191 -24.03 34.26 9.26
CA SER B 191 -23.13 35.01 8.38
C SER B 191 -23.81 35.11 7.02
N SER B 192 -23.22 35.89 6.13
CA SER B 192 -23.71 35.96 4.75
C SER B 192 -22.54 35.77 3.78
N VAL B 193 -22.10 34.52 3.62
CA VAL B 193 -21.44 33.90 2.48
C VAL B 193 -21.54 32.41 2.76
N ILE B 194 -21.84 31.60 1.75
CA ILE B 194 -21.92 30.15 1.91
C ILE B 194 -21.14 29.49 0.79
N LEU B 195 -20.31 28.52 1.15
CA LEU B 195 -19.49 27.76 0.21
C LEU B 195 -20.02 26.32 0.18
N LEU B 196 -20.92 26.05 -0.76
CA LEU B 196 -21.48 24.72 -0.89
C LEU B 196 -20.44 23.77 -1.48
N TYR B 197 -20.62 22.47 -1.19
CA TYR B 197 -19.82 21.43 -1.84
C TYR B 197 -20.59 20.12 -1.69
N CYS B 198 -21.10 19.60 -2.80
CA CYS B 198 -21.88 18.37 -2.81
C CYS B 198 -22.10 17.96 -4.27
N SER B 199 -22.89 16.90 -4.44
CA SER B 199 -23.28 16.45 -5.77
C SER B 199 -24.46 17.29 -6.25
N LYS B 200 -25.08 16.89 -7.35
CA LYS B 200 -26.21 17.65 -7.88
C LYS B 200 -27.44 17.51 -6.99
N ASP B 201 -27.88 16.26 -6.74
CA ASP B 201 -29.06 16.03 -5.93
C ASP B 201 -28.86 16.47 -4.48
N GLU B 202 -27.67 16.26 -3.92
CA GLU B 202 -27.40 16.73 -2.56
C GLU B 202 -27.48 18.24 -2.48
N ALA B 203 -26.92 18.94 -3.48
CA ALA B 203 -27.02 20.39 -3.50
C ALA B 203 -28.46 20.84 -3.64
N VAL B 204 -29.26 20.15 -4.46
CA VAL B 204 -30.67 20.51 -4.62
C VAL B 204 -31.40 20.34 -3.29
N LEU B 205 -31.16 19.22 -2.60
CA LEU B 205 -31.82 19.01 -1.32
C LEU B 205 -31.40 20.06 -0.29
N ILE B 206 -30.12 20.40 -0.25
CA ILE B 206 -29.65 21.39 0.72
C ILE B 206 -30.24 22.76 0.40
N LEU B 207 -30.33 23.11 -0.89
CA LEU B 207 -30.93 24.39 -1.25
C LEU B 207 -32.41 24.43 -0.90
N SER B 208 -33.12 23.32 -1.09
CA SER B 208 -34.52 23.27 -0.69
C SER B 208 -34.66 23.42 0.82
N GLU B 209 -33.79 22.77 1.58
CA GLU B 209 -33.82 22.92 3.03
C GLU B 209 -33.53 24.35 3.45
N ALA B 210 -32.58 25.00 2.78
CA ALA B 210 -32.29 26.41 3.06
C ALA B 210 -33.48 27.30 2.72
N ARG B 211 -34.16 27.00 1.61
CA ARG B 211 -35.38 27.73 1.27
C ARG B 211 -36.43 27.59 2.36
N SER B 212 -36.63 26.36 2.85
CA SER B 212 -37.60 26.16 3.92
C SER B 212 -37.19 26.89 5.19
N LEU B 213 -35.89 26.87 5.52
CA LEU B 213 -35.41 27.52 6.74
C LEU B 213 -35.59 29.04 6.66
N GLY B 214 -35.32 29.62 5.49
CA GLY B 214 -35.51 31.04 5.28
C GLY B 214 -34.25 31.88 5.19
N LEU B 215 -33.07 31.26 5.19
CA LEU B 215 -31.81 32.01 5.08
C LEU B 215 -31.43 32.15 3.61
N THR B 216 -32.30 32.84 2.88
CA THR B 216 -32.08 33.12 1.46
C THR B 216 -32.82 34.39 1.10
N GLY B 217 -32.10 35.43 0.70
CA GLY B 217 -32.71 36.70 0.37
C GLY B 217 -31.80 37.60 -0.43
N TYR B 218 -31.82 38.89 -0.11
CA TYR B 218 -30.96 39.87 -0.76
C TYR B 218 -29.57 39.95 -0.15
N ASP B 219 -29.31 39.21 0.92
CA ASP B 219 -28.03 39.25 1.62
C ASP B 219 -27.52 37.84 1.89
N PHE B 220 -27.54 36.99 0.86
CA PHE B 220 -27.02 35.63 0.98
C PHE B 220 -26.44 35.25 -0.38
N PHE B 221 -25.11 35.35 -0.49
CA PHE B 221 -24.40 35.09 -1.75
C PHE B 221 -23.78 33.70 -1.69
N TRP B 222 -24.44 32.72 -2.29
CA TRP B 222 -23.92 31.37 -2.36
C TRP B 222 -22.79 31.27 -3.37
N ILE B 223 -21.90 30.29 -3.15
CA ILE B 223 -20.83 29.97 -4.09
C ILE B 223 -20.69 28.46 -4.12
N VAL B 224 -20.64 27.88 -5.32
CA VAL B 224 -20.64 26.44 -5.50
C VAL B 224 -19.60 26.05 -6.55
N PRO B 225 -18.85 24.95 -6.38
CA PRO B 225 -17.83 24.58 -7.37
C PRO B 225 -18.38 24.12 -8.70
N SER B 226 -17.49 23.74 -9.61
CA SER B 226 -17.87 23.28 -10.94
C SER B 226 -18.60 21.94 -10.92
N LEU B 227 -18.61 21.24 -9.80
CA LEU B 227 -19.29 19.95 -9.72
C LEU B 227 -20.79 20.13 -9.94
N VAL B 228 -21.41 21.06 -9.23
CA VAL B 228 -22.85 21.31 -9.39
C VAL B 228 -22.98 22.37 -10.48
N SER B 229 -22.88 21.92 -11.73
CA SER B 229 -22.93 22.69 -12.96
C SER B 229 -22.23 21.91 -14.07
N GLY B 230 -22.23 20.58 -13.94
CA GLY B 230 -21.52 19.76 -14.91
C GLY B 230 -22.05 19.91 -16.33
N ASN B 231 -23.36 19.94 -16.47
CA ASN B 231 -24.01 20.20 -17.76
C ASN B 231 -24.95 21.39 -17.58
N THR B 232 -24.65 22.49 -18.26
CA THR B 232 -25.48 23.68 -18.14
C THR B 232 -26.70 23.59 -19.04
N GLU B 233 -27.43 22.48 -18.94
CA GLU B 233 -28.67 22.32 -19.69
C GLU B 233 -29.74 21.59 -18.88
N LEU B 234 -29.53 21.41 -17.58
CA LEU B 234 -30.45 20.67 -16.71
C LEU B 234 -30.70 21.46 -15.42
N ILE B 235 -31.01 22.74 -15.58
CA ILE B 235 -31.23 23.65 -14.45
C ILE B 235 -32.43 23.17 -13.64
N PRO B 236 -32.28 22.91 -12.35
CA PRO B 236 -33.40 22.47 -11.52
C PRO B 236 -34.34 23.62 -11.22
N LYS B 237 -35.35 23.33 -10.40
CA LYS B 237 -36.35 24.32 -9.99
C LYS B 237 -36.10 24.85 -8.60
N GLU B 238 -34.94 24.55 -8.00
CA GLU B 238 -34.63 25.00 -6.65
C GLU B 238 -33.33 25.79 -6.58
N PHE B 239 -32.80 26.21 -7.73
CA PHE B 239 -31.58 27.00 -7.77
C PHE B 239 -31.94 28.48 -7.63
N PRO B 240 -31.50 29.15 -6.57
CA PRO B 240 -31.86 30.57 -6.41
C PRO B 240 -31.27 31.44 -7.50
N SER B 241 -32.01 32.47 -7.89
CA SER B 241 -31.56 33.38 -8.94
C SER B 241 -30.39 34.20 -8.41
N GLY B 242 -29.21 33.99 -8.99
CA GLY B 242 -28.00 34.61 -8.50
C GLY B 242 -27.18 33.64 -7.68
N LEU B 243 -26.17 33.04 -8.30
CA LEU B 243 -25.41 31.97 -7.65
C LEU B 243 -24.09 31.83 -8.41
N ILE B 244 -22.98 32.12 -7.72
CA ILE B 244 -21.67 32.09 -8.35
C ILE B 244 -21.21 30.65 -8.50
N SER B 245 -20.53 30.37 -9.60
CA SER B 245 -19.97 29.05 -9.85
C SER B 245 -18.96 29.16 -10.98
N VAL B 246 -17.77 28.62 -10.77
CA VAL B 246 -16.73 28.63 -11.79
C VAL B 246 -16.82 27.35 -12.60
N SER B 247 -16.33 27.40 -13.83
CA SER B 247 -16.40 26.26 -14.74
C SER B 247 -15.36 26.45 -15.84
N TYR B 248 -15.18 25.41 -16.65
CA TYR B 248 -14.26 25.45 -17.77
C TYR B 248 -14.91 26.18 -18.95
N ASP B 249 -14.06 26.66 -19.85
CA ASP B 249 -14.53 27.50 -20.94
C ASP B 249 -15.32 26.65 -21.95
N ASP B 250 -16.52 27.13 -22.28
CA ASP B 250 -17.35 26.47 -23.29
C ASP B 250 -17.82 27.53 -24.28
N TRP B 251 -18.03 28.76 -23.79
CA TRP B 251 -18.69 29.79 -24.59
C TRP B 251 -17.80 30.36 -25.69
N ASP B 252 -16.49 30.14 -25.62
CA ASP B 252 -15.57 30.71 -26.60
C ASP B 252 -14.52 29.74 -27.12
N TYR B 253 -14.47 28.50 -26.62
CA TYR B 253 -13.44 27.55 -27.00
C TYR B 253 -14.05 26.47 -27.90
N SER B 254 -13.47 26.28 -29.07
CA SER B 254 -13.99 25.35 -30.07
C SER B 254 -13.16 24.08 -30.09
N LEU B 255 -13.73 23.04 -30.71
CA LEU B 255 -13.04 21.75 -30.81
C LEU B 255 -11.80 21.85 -31.69
N GLU B 256 -11.88 22.62 -32.78
CA GLU B 256 -10.76 22.73 -33.70
C GLU B 256 -9.53 23.34 -33.01
N ALA B 257 -9.75 24.38 -32.20
CA ALA B 257 -8.65 25.01 -31.49
C ALA B 257 -8.01 24.04 -30.50
N ARG B 258 -8.84 23.27 -29.79
CA ARG B 258 -8.31 22.29 -28.85
C ARG B 258 -7.49 21.22 -29.54
N VAL B 259 -7.99 20.72 -30.68
CA VAL B 259 -7.26 19.70 -31.42
C VAL B 259 -5.93 20.27 -31.93
N ARG B 260 -5.96 21.51 -32.45
CA ARG B 260 -4.73 22.13 -32.93
C ARG B 260 -3.73 22.30 -31.80
N ASP B 261 -4.20 22.73 -30.62
CA ASP B 261 -3.29 22.90 -29.49
C ASP B 261 -2.67 21.58 -29.06
N GLY B 262 -3.48 20.51 -29.01
CA GLY B 262 -2.94 19.22 -28.64
C GLY B 262 -1.92 18.70 -29.63
N ILE B 263 -2.23 18.82 -30.92
CA ILE B 263 -1.27 18.41 -31.95
C ILE B 263 0.00 19.24 -31.85
N GLY B 264 -0.14 20.54 -31.56
CA GLY B 264 1.02 21.40 -31.45
C GLY B 264 1.93 21.02 -30.30
N ILE B 265 1.35 20.77 -29.12
CA ILE B 265 2.18 20.41 -27.98
C ILE B 265 2.85 19.06 -28.21
N LEU B 266 2.11 18.10 -28.76
CA LEU B 266 2.72 16.79 -29.03
C LEU B 266 3.87 16.91 -30.04
N THR B 267 3.66 17.67 -31.12
CA THR B 267 4.71 17.83 -32.12
C THR B 267 5.91 18.58 -31.57
N THR B 268 5.67 19.60 -30.73
CA THR B 268 6.78 20.32 -30.14
C THR B 268 7.59 19.43 -29.19
N ALA B 269 6.90 18.59 -28.41
CA ALA B 269 7.60 17.66 -27.55
C ALA B 269 8.43 16.66 -28.37
N ALA B 270 7.85 16.15 -29.46
CA ALA B 270 8.59 15.23 -30.32
C ALA B 270 9.80 15.92 -30.94
N SER B 271 9.65 17.17 -31.37
CA SER B 271 10.77 17.90 -31.95
C SER B 271 11.88 18.13 -30.93
N SER B 272 11.51 18.48 -29.69
CA SER B 272 12.52 18.67 -28.66
C SER B 272 13.22 17.36 -28.34
N MET B 273 12.48 16.25 -28.30
CA MET B 273 13.10 14.95 -28.05
C MET B 273 14.07 14.59 -29.18
N LEU B 274 13.68 14.86 -30.43
CA LEU B 274 14.57 14.57 -31.54
C LEU B 274 15.78 15.50 -31.57
N GLU B 275 15.64 16.70 -31.02
CA GLU B 275 16.78 17.60 -30.93
C GLU B 275 17.74 17.20 -29.82
N LYS B 276 17.22 16.69 -28.71
CA LYS B 276 18.08 16.31 -27.59
C LYS B 276 18.94 15.09 -27.91
N PHE B 277 18.34 14.09 -28.57
CA PHE B 277 19.04 12.85 -28.86
C PHE B 277 19.01 12.52 -30.35
N SER B 278 19.43 11.32 -30.71
CA SER B 278 19.41 10.87 -32.10
C SER B 278 18.65 9.57 -32.30
N TYR B 279 18.12 8.96 -31.23
CA TYR B 279 17.40 7.69 -31.31
C TYR B 279 15.94 7.95 -30.96
N ILE B 280 15.09 8.04 -31.99
CA ILE B 280 13.65 8.22 -31.80
C ILE B 280 13.09 6.92 -31.22
N PRO B 281 12.05 6.98 -30.39
CA PRO B 281 11.45 5.74 -29.87
C PRO B 281 10.36 5.21 -30.77
N GLU B 282 10.31 3.89 -30.89
CA GLU B 282 9.33 3.20 -31.72
C GLU B 282 8.22 2.63 -30.85
N ALA B 283 7.08 2.37 -31.48
CA ALA B 283 5.90 1.88 -30.78
C ALA B 283 6.10 0.43 -30.34
N LYS B 284 5.27 0.02 -29.39
CA LYS B 284 5.34 -1.34 -28.86
C LYS B 284 4.83 -2.36 -29.87
N ALA B 285 5.22 -3.62 -29.66
CA ALA B 285 4.83 -4.69 -30.56
C ALA B 285 3.31 -4.89 -30.55
N SER B 286 2.77 -5.28 -29.40
CA SER B 286 1.34 -5.52 -29.28
C SER B 286 0.94 -5.37 -27.82
N CYS B 287 -0.35 -5.11 -27.60
CA CYS B 287 -0.85 -4.88 -26.25
C CYS B 287 -1.15 -6.19 -25.53
N TYR B 288 -2.07 -7.00 -26.07
CA TYR B 288 -2.48 -8.21 -25.37
C TYR B 288 -1.38 -9.27 -25.41
N GLY B 289 -0.64 -9.35 -26.50
CA GLY B 289 0.49 -10.25 -26.55
C GLY B 289 1.61 -9.76 -25.65
N GLN B 290 1.76 -10.41 -24.49
CA GLN B 290 2.71 -9.97 -23.47
C GLN B 290 3.48 -11.16 -22.92
N MET B 291 3.93 -12.05 -23.82
CA MET B 291 4.72 -13.19 -23.39
C MET B 291 6.01 -12.75 -22.71
N GLU B 292 6.67 -11.72 -23.25
CA GLU B 292 7.84 -11.12 -22.65
C GLU B 292 7.49 -9.75 -22.09
N ARG B 293 7.91 -9.50 -20.85
CA ARG B 293 7.59 -8.25 -20.17
C ARG B 293 8.65 -7.21 -20.52
N PRO B 294 8.30 -6.13 -21.20
CA PRO B 294 9.29 -5.09 -21.55
C PRO B 294 9.48 -4.12 -20.40
N GLU B 295 10.29 -3.10 -20.66
CA GLU B 295 10.58 -2.04 -19.70
C GLU B 295 10.40 -0.70 -20.39
N VAL B 296 10.56 0.38 -19.61
CA VAL B 296 10.42 1.73 -20.16
C VAL B 296 11.53 1.97 -21.17
N PRO B 297 11.26 2.67 -22.28
CA PRO B 297 12.32 2.89 -23.27
C PRO B 297 13.33 3.94 -22.82
N MET B 298 14.29 4.26 -23.69
CA MET B 298 15.36 5.19 -23.35
C MET B 298 14.82 6.62 -23.44
N HIS B 299 14.62 7.24 -22.28
CA HIS B 299 14.23 8.64 -22.17
C HIS B 299 12.91 8.90 -22.91
N THR B 300 11.86 8.27 -22.39
CA THR B 300 10.52 8.48 -22.93
C THR B 300 10.12 9.95 -22.79
N LEU B 301 9.10 10.34 -23.55
CA LEU B 301 8.64 11.73 -23.58
C LEU B 301 7.99 12.06 -22.24
N HIS B 302 8.75 12.73 -21.38
CA HIS B 302 8.27 13.18 -20.07
C HIS B 302 8.84 14.55 -19.74
N PRO B 303 10.20 14.77 -19.81
CA PRO B 303 10.77 16.11 -19.68
C PRO B 303 10.78 16.87 -21.00
N PHE B 304 9.67 16.80 -21.72
CA PHE B 304 9.48 17.56 -22.96
C PHE B 304 8.08 18.14 -23.07
N MET B 305 7.21 17.93 -22.09
CA MET B 305 5.86 18.47 -22.08
C MET B 305 5.66 19.52 -21.00
N VAL B 306 6.75 20.14 -20.53
CA VAL B 306 6.68 21.15 -19.49
C VAL B 306 7.04 22.51 -20.07
N ASN B 307 8.25 22.63 -20.60
CA ASN B 307 8.70 23.87 -21.23
C ASN B 307 8.23 23.90 -22.68
N VAL B 308 6.91 24.03 -22.84
CA VAL B 308 6.26 23.98 -24.15
C VAL B 308 5.50 25.27 -24.38
N THR B 309 5.76 25.90 -25.53
CA THR B 309 4.99 27.05 -25.99
C THR B 309 4.80 26.92 -27.50
N TRP B 310 3.58 27.12 -27.96
CA TRP B 310 3.25 26.91 -29.37
C TRP B 310 2.37 28.05 -29.84
N ASP B 311 2.93 28.94 -30.67
CA ASP B 311 2.19 30.02 -31.32
C ASP B 311 1.49 30.91 -30.29
N GLY B 312 2.31 31.57 -29.47
CA GLY B 312 1.77 32.54 -28.52
C GLY B 312 1.49 31.99 -27.14
N LYS B 313 0.23 31.62 -26.90
CA LYS B 313 -0.20 31.21 -25.56
C LYS B 313 0.62 30.04 -25.04
N ASP B 314 1.03 30.14 -23.78
CA ASP B 314 1.79 29.08 -23.15
C ASP B 314 0.90 27.87 -22.91
N LEU B 315 1.47 26.68 -23.08
CA LEU B 315 0.76 25.42 -22.93
C LEU B 315 1.53 24.49 -21.99
N SER B 316 2.11 25.04 -20.93
CA SER B 316 2.94 24.26 -20.03
C SER B 316 2.12 23.27 -19.22
N PHE B 317 2.78 22.23 -18.73
CA PHE B 317 2.21 21.25 -17.82
C PHE B 317 3.09 21.13 -16.60
N THR B 318 2.46 20.92 -15.44
CA THR B 318 3.18 20.73 -14.20
C THR B 318 3.51 19.26 -13.99
N GLU B 319 4.40 19.00 -13.03
CA GLU B 319 4.78 17.62 -12.73
C GLU B 319 3.66 16.82 -12.10
N GLU B 320 2.65 17.49 -11.53
CA GLU B 320 1.53 16.78 -10.92
C GLU B 320 0.75 15.98 -11.95
N GLY B 321 0.49 16.57 -13.11
CA GLY B 321 -0.22 15.86 -14.16
C GLY B 321 -1.38 16.62 -14.77
N TYR B 322 -1.49 17.92 -14.48
CA TYR B 322 -2.54 18.73 -15.07
C TYR B 322 -1.98 20.03 -15.64
N GLN B 323 -2.86 20.90 -16.13
CA GLN B 323 -2.43 22.14 -16.76
C GLN B 323 -1.98 23.16 -15.71
N VAL B 324 -1.29 24.20 -16.19
CA VAL B 324 -0.80 25.25 -15.32
C VAL B 324 -1.53 26.58 -15.56
N HIS B 325 -1.93 26.89 -16.79
CA HIS B 325 -2.60 28.14 -17.13
C HIS B 325 -3.94 27.78 -17.77
N PRO B 326 -4.96 27.47 -16.97
CA PRO B 326 -6.25 27.05 -17.52
C PRO B 326 -7.05 28.21 -18.10
N ARG B 327 -8.26 27.91 -18.54
CA ARG B 327 -9.15 28.92 -19.11
C ARG B 327 -10.43 29.02 -18.28
N LEU B 328 -10.28 29.09 -16.96
CA LEU B 328 -11.43 29.11 -16.08
C LEU B 328 -12.30 30.35 -16.32
N VAL B 329 -13.60 30.18 -16.13
CA VAL B 329 -14.57 31.25 -16.31
C VAL B 329 -15.46 31.31 -15.09
N VAL B 330 -16.00 32.49 -14.82
CA VAL B 330 -16.89 32.72 -13.68
C VAL B 330 -18.26 33.11 -14.23
N ILE B 331 -19.29 32.35 -13.85
CA ILE B 331 -20.64 32.57 -14.34
C ILE B 331 -21.60 32.66 -13.15
N VAL B 332 -22.77 33.24 -13.41
CA VAL B 332 -23.80 33.42 -12.40
C VAL B 332 -25.14 33.08 -13.05
N LEU B 333 -26.03 32.45 -12.27
CA LEU B 333 -27.36 32.14 -12.76
C LEU B 333 -28.16 33.44 -12.90
N ASN B 334 -28.15 34.00 -14.10
CA ASN B 334 -28.86 35.25 -14.36
C ASN B 334 -30.37 35.00 -14.22
N LYS B 335 -31.11 36.09 -13.99
CA LYS B 335 -32.54 35.96 -13.72
C LYS B 335 -33.33 35.76 -15.00
N ASP B 336 -32.86 34.82 -15.84
CA ASP B 336 -33.61 34.34 -17.00
C ASP B 336 -33.42 32.84 -17.15
N ARG B 337 -32.95 32.16 -16.09
CA ARG B 337 -32.62 30.74 -16.12
C ARG B 337 -31.62 30.43 -17.24
N GLU B 338 -30.62 31.28 -17.39
CA GLU B 338 -29.57 31.09 -18.38
C GLU B 338 -28.28 31.67 -17.83
N TRP B 339 -27.23 30.86 -17.80
CA TRP B 339 -25.95 31.31 -17.26
C TRP B 339 -25.30 32.33 -18.18
N GLU B 340 -24.58 33.28 -17.57
CA GLU B 340 -23.91 34.33 -18.32
C GLU B 340 -22.51 34.55 -17.76
N LYS B 341 -21.55 34.78 -18.64
CA LYS B 341 -20.17 35.01 -18.23
C LYS B 341 -20.04 36.33 -17.47
N VAL B 342 -19.11 36.36 -16.52
CA VAL B 342 -18.86 37.56 -15.72
C VAL B 342 -17.39 37.94 -15.81
N GLY B 343 -16.53 36.96 -16.03
CA GLY B 343 -15.11 37.24 -16.11
C GLY B 343 -14.24 36.03 -16.34
N LYS B 344 -13.15 36.22 -17.09
CA LYS B 344 -12.21 35.15 -17.37
C LYS B 344 -11.26 34.96 -16.20
N TRP B 345 -10.36 33.98 -16.32
CA TRP B 345 -9.28 33.75 -15.38
C TRP B 345 -8.00 33.95 -16.18
N GLU B 346 -7.50 35.18 -16.20
CA GLU B 346 -6.38 35.56 -17.04
C GLU B 346 -5.06 35.10 -16.43
N ASN B 347 -3.95 35.65 -16.92
CA ASN B 347 -2.60 35.16 -16.62
C ASN B 347 -2.47 34.75 -15.16
N HIS B 348 -2.63 35.70 -14.23
CA HIS B 348 -2.79 35.33 -12.83
C HIS B 348 -3.86 36.12 -12.09
N THR B 349 -4.26 37.29 -12.56
CA THR B 349 -5.26 38.10 -11.88
C THR B 349 -6.63 37.94 -12.53
N LEU B 350 -7.67 38.07 -11.72
CA LEU B 350 -9.05 37.95 -12.19
C LEU B 350 -9.51 39.31 -12.70
N SER B 351 -10.05 39.33 -13.92
CA SER B 351 -10.52 40.57 -14.55
C SER B 351 -12.04 40.50 -14.67
N LEU B 352 -12.72 41.00 -13.66
CA LEU B 352 -14.17 41.00 -13.66
C LEU B 352 -14.72 42.03 -14.63
N ARG B 353 -15.99 41.84 -15.02
CA ARG B 353 -16.68 42.76 -15.91
C ARG B 353 -17.63 43.71 -15.18
N HIS B 354 -18.14 43.30 -14.03
CA HIS B 354 -19.07 44.12 -13.26
C HIS B 354 -18.32 44.85 -12.16
N ALA B 355 -18.42 46.18 -12.15
CA ALA B 355 -17.74 46.97 -11.14
C ALA B 355 -18.31 46.70 -9.75
N VAL B 356 -19.64 46.60 -9.63
CA VAL B 356 -20.31 46.34 -8.37
C VAL B 356 -21.36 45.26 -8.59
N TRP B 357 -21.73 44.60 -7.50
CA TRP B 357 -22.72 43.54 -7.59
C TRP B 357 -24.11 44.13 -7.80
N PRO B 358 -24.83 43.73 -8.85
CA PRO B 358 -26.13 44.34 -9.14
C PRO B 358 -27.25 43.92 -8.21
N ARG B 359 -26.97 43.11 -7.18
CA ARG B 359 -27.98 42.67 -6.22
C ARG B 359 -29.12 41.92 -6.91
N TYR B 360 -28.77 40.78 -7.50
CA TYR B 360 -29.76 39.97 -8.20
C TYR B 360 -30.86 39.51 -7.25
N LYS B 361 -32.10 39.59 -7.73
CA LYS B 361 -33.24 39.17 -6.93
C LYS B 361 -33.21 37.65 -6.71
N SER B 362 -33.80 37.23 -5.60
CA SER B 362 -33.96 35.82 -5.29
C SER B 362 -35.14 35.28 -6.09
N PHE B 363 -35.65 34.11 -5.70
CA PHE B 363 -36.71 33.42 -6.45
C PHE B 363 -38.04 34.17 -6.31
N SER B 364 -38.06 35.39 -6.83
CA SER B 364 -39.26 36.19 -6.98
C SER B 364 -39.94 36.51 -5.65
N ASP B 365 -40.41 35.47 -4.95
CA ASP B 365 -41.24 35.68 -3.76
C ASP B 365 -40.51 36.51 -2.71
N CYS B 366 -39.22 36.29 -2.53
CA CYS B 366 -38.44 37.05 -1.56
C CYS B 366 -38.23 38.48 -2.01
N LEU C 1 37.68 -15.91 30.04
CA LEU C 1 36.36 -16.52 30.05
C LEU C 1 36.43 -17.97 29.59
N GLN C 2 36.02 -18.89 30.46
CA GLN C 2 36.00 -20.31 30.14
C GLN C 2 34.80 -20.94 30.83
N LEU C 3 34.25 -21.98 30.22
CA LEU C 3 33.04 -22.62 30.70
C LEU C 3 33.37 -24.02 31.23
N GLN C 4 32.69 -24.40 32.31
CA GLN C 4 32.88 -25.69 32.96
C GLN C 4 31.54 -26.42 33.02
N GLU C 5 31.58 -27.71 32.74
CA GLU C 5 30.38 -28.55 32.71
C GLU C 5 30.44 -29.59 33.82
N SER C 6 29.26 -29.94 34.33
CA SER C 6 29.16 -30.92 35.42
C SER C 6 27.78 -31.55 35.38
N GLY C 7 27.72 -32.85 35.12
CA GLY C 7 26.47 -33.58 35.10
C GLY C 7 26.51 -34.80 35.99
N PRO C 8 25.37 -35.15 36.59
CA PRO C 8 25.34 -36.28 37.52
C PRO C 8 25.30 -37.65 36.85
N GLY C 9 26.13 -37.84 35.83
CA GLY C 9 26.25 -39.14 35.20
C GLY C 9 24.94 -39.60 34.58
N LEU C 10 24.72 -40.91 34.65
CA LEU C 10 23.52 -41.52 34.11
C LEU C 10 22.33 -41.31 35.05
N VAL C 11 21.13 -41.55 34.52
CA VAL C 11 19.89 -41.39 35.28
C VAL C 11 19.00 -42.60 35.03
N LYS C 12 18.08 -42.83 35.96
CA LYS C 12 17.11 -43.90 35.81
C LYS C 12 16.13 -43.58 34.69
N PRO C 13 15.62 -44.59 34.00
CA PRO C 13 14.69 -44.32 32.89
C PRO C 13 13.41 -43.65 33.37
N SER C 14 12.89 -42.76 32.55
CA SER C 14 11.65 -42.01 32.83
C SER C 14 11.75 -41.28 34.16
N GLN C 15 12.71 -40.35 34.23
CA GLN C 15 12.95 -39.57 35.43
C GLN C 15 13.27 -38.14 35.02
N THR C 16 13.72 -37.35 35.99
CA THR C 16 14.07 -35.95 35.76
C THR C 16 15.58 -35.80 35.85
N LEU C 17 16.16 -35.12 34.86
CA LEU C 17 17.61 -34.94 34.77
C LEU C 17 17.95 -33.47 34.92
N SER C 18 19.03 -33.19 35.67
CA SER C 18 19.42 -31.81 35.97
C SER C 18 20.92 -31.67 35.82
N LEU C 19 21.35 -30.91 34.82
CA LEU C 19 22.76 -30.58 34.64
C LEU C 19 23.06 -29.19 35.16
N THR C 20 24.31 -28.98 35.57
CA THR C 20 24.75 -27.68 36.09
C THR C 20 26.04 -27.30 35.37
N CYS C 21 25.99 -26.25 34.56
CA CYS C 21 27.17 -25.68 33.93
C CYS C 21 27.53 -24.38 34.64
N THR C 22 28.79 -24.25 35.05
CA THR C 22 29.28 -23.08 35.74
C THR C 22 30.21 -22.29 34.84
N VAL C 23 30.29 -20.99 35.08
CA VAL C 23 31.11 -20.06 34.29
C VAL C 23 32.17 -19.46 35.20
N SER C 24 33.43 -19.52 34.77
CA SER C 24 34.56 -18.97 35.50
C SER C 24 35.33 -18.05 34.60
N GLY C 25 35.68 -16.87 35.10
CA GLY C 25 36.40 -15.88 34.33
C GLY C 25 35.55 -14.77 33.74
N GLY C 26 34.25 -14.76 34.03
CA GLY C 26 33.36 -13.74 33.51
C GLY C 26 32.16 -13.57 34.43
N SER C 27 31.30 -12.62 34.06
CA SER C 27 30.12 -12.30 34.85
C SER C 27 28.87 -12.70 34.06
N ILE C 28 27.95 -13.39 34.72
CA ILE C 28 26.69 -13.76 34.06
C ILE C 28 25.89 -12.52 33.70
N SER C 29 25.92 -11.51 34.57
CA SER C 29 25.21 -10.27 34.29
C SER C 29 25.92 -9.50 33.18
N SER C 30 25.51 -9.73 31.95
CA SER C 30 26.13 -9.12 30.78
C SER C 30 25.06 -8.97 29.71
N SER C 31 25.50 -8.76 28.47
CA SER C 31 24.59 -8.60 27.35
C SER C 31 24.75 -9.75 26.35
N ASN C 32 24.86 -10.97 26.85
CA ASN C 32 24.98 -12.15 26.01
C ASN C 32 23.83 -13.12 26.29
N TRP C 33 23.85 -14.25 25.60
CA TRP C 33 22.88 -15.31 25.81
C TRP C 33 23.62 -16.62 26.07
N TRP C 34 22.96 -17.51 26.81
CA TRP C 34 23.53 -18.80 27.17
C TRP C 34 22.57 -19.89 26.73
N SER C 35 23.08 -20.93 26.07
CA SER C 35 22.22 -21.92 25.44
C SER C 35 22.76 -23.33 25.62
N TRP C 36 21.91 -24.32 25.33
CA TRP C 36 22.26 -25.73 25.47
C TRP C 36 22.08 -26.41 24.12
N VAL C 37 23.05 -27.25 23.76
CA VAL C 37 22.98 -28.04 22.53
C VAL C 37 23.39 -29.47 22.86
N ARG C 38 22.74 -30.43 22.20
CA ARG C 38 22.97 -31.84 22.47
C ARG C 38 23.20 -32.58 21.16
N GLN C 39 24.03 -33.62 21.23
CA GLN C 39 24.41 -34.40 20.05
C GLN C 39 24.31 -35.88 20.36
N PRO C 40 23.39 -36.61 19.72
CA PRO C 40 23.34 -38.06 19.89
C PRO C 40 24.57 -38.70 19.27
N PRO C 41 24.93 -39.92 19.72
CA PRO C 41 26.14 -40.57 19.18
C PRO C 41 25.99 -40.87 17.70
N GLY C 42 26.86 -40.27 16.89
CA GLY C 42 26.81 -40.45 15.45
C GLY C 42 25.55 -39.91 14.82
N LYS C 43 25.13 -38.71 15.21
CA LYS C 43 23.92 -38.09 14.68
C LYS C 43 24.20 -36.61 14.48
N GLY C 44 23.14 -35.84 14.24
CA GLY C 44 23.24 -34.41 14.04
C GLY C 44 23.29 -33.65 15.35
N LEU C 45 23.24 -32.33 15.21
CA LEU C 45 23.27 -31.41 16.35
C LEU C 45 21.92 -30.73 16.45
N GLU C 46 21.28 -30.85 17.61
CA GLU C 46 19.96 -30.29 17.86
C GLU C 46 20.03 -29.22 18.93
N TRP C 47 19.51 -28.04 18.62
CA TRP C 47 19.47 -26.95 19.58
C TRP C 47 18.32 -27.17 20.57
N ILE C 48 18.59 -26.87 21.84
CA ILE C 48 17.61 -27.13 22.90
C ILE C 48 16.90 -25.84 23.26
N GLY C 49 17.63 -24.83 23.72
CA GLY C 49 17.01 -23.58 24.09
C GLY C 49 18.04 -22.62 24.66
N GLU C 50 17.68 -21.33 24.60
CA GLU C 50 18.50 -20.26 25.13
C GLU C 50 17.76 -19.55 26.24
N ILE C 51 18.51 -19.03 27.21
CA ILE C 51 17.96 -18.29 28.33
C ILE C 51 18.76 -17.02 28.51
N TYR C 52 18.09 -15.87 28.45
CA TYR C 52 18.74 -14.60 28.73
C TYR C 52 19.12 -14.52 30.20
N HIS C 53 20.06 -13.64 30.51
CA HIS C 53 20.61 -13.59 31.87
C HIS C 53 19.54 -13.19 32.88
N SER C 54 18.66 -12.26 32.52
CA SER C 54 17.69 -11.73 33.49
C SER C 54 16.42 -12.58 33.60
N GLY C 55 15.59 -12.59 32.56
CA GLY C 55 14.24 -13.07 32.76
C GLY C 55 13.59 -14.12 31.87
N ASN C 56 13.98 -14.22 30.60
CA ASN C 56 13.13 -14.89 29.62
C ASN C 56 13.90 -15.95 28.83
N THR C 57 13.17 -16.92 28.32
CA THR C 57 13.71 -18.10 27.67
C THR C 57 13.17 -18.23 26.25
N ASN C 58 13.79 -19.13 25.48
CA ASN C 58 13.33 -19.55 24.17
C ASN C 58 13.58 -21.04 24.03
N TYR C 59 12.62 -21.77 23.46
CA TYR C 59 12.70 -23.22 23.38
C TYR C 59 12.47 -23.71 21.95
N ASN C 60 12.98 -24.89 21.68
CA ASN C 60 12.75 -25.53 20.38
C ASN C 60 11.30 -25.98 20.27
N PRO C 61 10.62 -25.70 19.16
CA PRO C 61 9.21 -26.07 19.06
C PRO C 61 8.94 -27.56 19.20
N SER C 62 9.86 -28.43 18.74
CA SER C 62 9.63 -29.87 18.80
C SER C 62 9.54 -30.36 20.23
N LEU C 63 10.34 -29.79 21.12
CA LEU C 63 10.44 -30.21 22.51
C LEU C 63 10.20 -29.05 23.47
N LYS C 64 9.30 -28.14 23.07
CA LYS C 64 9.05 -26.93 23.85
C LYS C 64 8.47 -27.25 25.22
N SER C 65 7.55 -28.22 25.28
CA SER C 65 6.78 -28.48 26.51
C SER C 65 7.44 -29.54 27.39
N ARG C 66 8.75 -29.69 27.34
CA ARG C 66 9.45 -30.66 28.17
C ARG C 66 10.69 -30.08 28.85
N VAL C 67 10.93 -28.77 28.73
CA VAL C 67 12.14 -28.15 29.25
C VAL C 67 11.75 -26.96 30.12
N THR C 68 12.35 -26.88 31.32
CA THR C 68 12.23 -25.72 32.19
C THR C 68 13.65 -25.28 32.57
N VAL C 69 14.25 -24.45 31.71
CA VAL C 69 15.60 -23.97 31.98
C VAL C 69 15.58 -22.98 33.12
N SER C 70 16.73 -22.79 33.77
CA SER C 70 16.81 -21.88 34.89
C SER C 70 18.22 -21.30 34.98
N VAL C 71 18.34 -20.15 35.64
CA VAL C 71 19.62 -19.50 35.88
C VAL C 71 19.69 -19.02 37.32
N ASP C 72 20.91 -18.71 37.75
CA ASP C 72 21.14 -18.11 39.06
C ASP C 72 22.44 -17.34 38.98
N LYS C 73 22.34 -16.01 38.92
CA LYS C 73 23.52 -15.15 38.84
C LYS C 73 24.12 -14.84 40.21
N SER C 74 23.43 -15.20 41.30
CA SER C 74 24.04 -15.06 42.61
C SER C 74 25.20 -16.01 42.79
N LYS C 75 25.18 -17.15 42.09
CA LYS C 75 26.29 -18.09 42.09
C LYS C 75 26.85 -18.33 40.70
N ASN C 76 26.34 -17.63 39.67
CA ASN C 76 26.82 -17.72 38.30
C ASN C 76 26.75 -19.15 37.77
N GLN C 77 25.52 -19.67 37.68
CA GLN C 77 25.34 -20.99 37.11
C GLN C 77 23.92 -21.12 36.57
N PHE C 78 23.81 -21.77 35.40
CA PHE C 78 22.52 -22.04 34.79
C PHE C 78 22.34 -23.55 34.64
N SER C 79 21.09 -23.98 34.78
CA SER C 79 20.77 -25.40 34.87
C SER C 79 19.63 -25.77 33.92
N LEU C 80 19.71 -27.00 33.43
CA LEU C 80 18.69 -27.59 32.57
C LEU C 80 17.89 -28.60 33.39
N LYS C 81 16.58 -28.64 33.17
CA LYS C 81 15.66 -29.42 33.99
C LYS C 81 14.76 -30.27 33.10
N LEU C 82 15.37 -31.03 32.20
CA LEU C 82 14.61 -31.91 31.32
C LEU C 82 13.74 -32.87 32.13
N THR C 83 12.48 -32.99 31.72
CA THR C 83 11.50 -33.81 32.42
C THR C 83 10.83 -34.76 31.44
N SER C 84 10.28 -35.85 31.99
CA SER C 84 9.60 -36.88 31.20
C SER C 84 10.51 -37.44 30.11
N VAL C 85 11.70 -37.88 30.53
CA VAL C 85 12.69 -38.38 29.58
C VAL C 85 12.20 -39.70 28.99
N THR C 86 12.70 -40.00 27.79
CA THR C 86 12.39 -41.23 27.09
C THR C 86 13.64 -42.10 27.00
N ALA C 87 13.50 -43.24 26.32
CA ALA C 87 14.63 -44.16 26.18
C ALA C 87 15.63 -43.68 25.15
N ALA C 88 15.19 -43.00 24.10
CA ALA C 88 16.06 -42.53 23.03
C ALA C 88 16.45 -41.07 23.25
N ASP C 89 17.15 -40.83 24.36
CA ASP C 89 17.63 -39.49 24.70
C ASP C 89 19.10 -39.48 25.11
N THR C 90 19.81 -40.61 24.97
CA THR C 90 21.22 -40.66 25.31
C THR C 90 22.02 -39.81 24.32
N ALA C 91 22.72 -38.81 24.84
CA ALA C 91 23.45 -37.88 23.98
C ALA C 91 24.47 -37.11 24.82
N VAL C 92 25.42 -36.50 24.13
CA VAL C 92 26.40 -35.62 24.76
C VAL C 92 25.81 -34.22 24.82
N TYR C 93 25.86 -33.59 25.99
CA TYR C 93 25.21 -32.31 26.22
C TYR C 93 26.25 -31.23 26.41
N TYR C 94 26.06 -30.11 25.71
CA TYR C 94 26.99 -28.98 25.72
C TYR C 94 26.29 -27.73 26.24
N CYS C 95 27.05 -26.87 26.91
CA CYS C 95 26.60 -25.54 27.30
C CYS C 95 27.47 -24.53 26.59
N ALA C 96 26.84 -23.63 25.82
CA ALA C 96 27.58 -22.71 24.98
C ALA C 96 27.03 -21.30 25.11
N ARG C 97 27.94 -20.32 25.11
CA ARG C 97 27.57 -18.90 25.18
C ARG C 97 27.56 -18.32 23.78
N ASP C 98 26.48 -17.61 23.45
CA ASP C 98 26.36 -16.91 22.17
C ASP C 98 26.21 -15.42 22.42
N VAL C 99 26.97 -14.61 21.67
CA VAL C 99 26.95 -13.18 21.87
C VAL C 99 25.63 -12.59 21.40
N SER C 100 25.32 -11.39 21.90
CA SER C 100 24.12 -10.69 21.45
C SER C 100 24.20 -10.41 19.96
N GLY C 101 25.29 -9.78 19.51
CA GLY C 101 25.56 -9.70 18.10
C GLY C 101 24.48 -9.03 17.28
N GLY C 102 23.69 -9.86 16.63
CA GLY C 102 22.82 -9.51 15.53
C GLY C 102 22.82 -10.73 14.64
N VAL C 103 23.70 -11.67 15.01
CA VAL C 103 23.78 -13.00 14.44
C VAL C 103 23.81 -13.99 15.59
N ASN C 104 23.49 -15.24 15.28
CA ASN C 104 23.55 -16.33 16.27
C ASN C 104 24.84 -17.09 16.05
N TRP C 105 25.77 -16.96 17.01
CA TRP C 105 27.11 -17.51 16.87
C TRP C 105 27.58 -18.03 18.22
N PHE C 106 28.01 -19.29 18.25
CA PHE C 106 28.33 -19.99 19.48
C PHE C 106 29.83 -19.96 19.72
N ASP C 107 30.26 -19.31 20.80
CA ASP C 107 31.67 -19.20 21.14
C ASP C 107 31.82 -18.70 22.57
N PRO C 108 32.56 -19.41 23.43
CA PRO C 108 33.22 -20.70 23.23
C PRO C 108 32.47 -21.88 23.84
N TRP C 109 32.54 -23.04 23.23
CA TRP C 109 31.83 -24.21 23.71
C TRP C 109 32.54 -24.82 24.91
N GLY C 110 31.76 -25.47 25.77
CA GLY C 110 32.30 -26.11 26.96
C GLY C 110 32.88 -27.47 26.66
N GLN C 111 33.45 -28.08 27.72
CA GLN C 111 34.04 -29.41 27.57
C GLN C 111 32.99 -30.46 27.25
N GLY C 112 31.84 -30.39 27.91
CA GLY C 112 30.77 -31.32 27.63
C GLY C 112 30.78 -32.53 28.55
N THR C 113 29.60 -33.09 28.78
CA THR C 113 29.42 -34.28 29.61
C THR C 113 28.66 -35.33 28.82
N LEU C 114 28.91 -36.59 29.17
CA LEU C 114 28.24 -37.73 28.55
C LEU C 114 27.06 -38.13 29.42
N VAL C 115 25.88 -38.24 28.81
CA VAL C 115 24.64 -38.56 29.50
C VAL C 115 24.05 -39.80 28.86
N THR C 116 23.81 -40.84 29.66
CA THR C 116 23.20 -42.08 29.22
C THR C 116 21.95 -42.34 30.04
N VAL C 117 20.89 -42.79 29.38
CA VAL C 117 19.64 -43.15 30.05
C VAL C 117 19.43 -44.65 29.91
N SER C 118 19.25 -45.32 31.04
CA SER C 118 19.05 -46.76 31.11
C SER C 118 18.80 -47.12 32.58
N SER C 119 18.45 -48.38 32.81
CA SER C 119 18.21 -48.87 34.16
C SER C 119 19.47 -49.54 34.73
N ASN D 1 10.68 -23.40 10.34
CA ASN D 1 11.55 -24.58 10.40
C ASN D 1 11.88 -25.09 9.00
N PHE D 2 13.02 -25.74 8.87
CA PHE D 2 13.48 -26.28 7.58
C PHE D 2 14.58 -27.31 7.87
N MET D 3 15.21 -27.79 6.80
CA MET D 3 16.27 -28.79 6.93
C MET D 3 17.43 -28.42 6.03
N LEU D 4 18.63 -28.81 6.45
CA LEU D 4 19.85 -28.58 5.69
C LEU D 4 20.40 -29.93 5.22
N THR D 5 20.80 -30.00 3.96
CA THR D 5 21.34 -31.21 3.37
C THR D 5 22.75 -30.95 2.88
N GLN D 6 23.69 -31.81 3.30
CA GLN D 6 25.07 -31.74 2.87
C GLN D 6 25.58 -33.15 2.60
N PRO D 7 26.47 -33.30 1.63
CA PRO D 7 27.01 -34.64 1.33
C PRO D 7 27.89 -35.15 2.46
N HIS D 8 27.98 -36.48 2.56
CA HIS D 8 28.75 -37.14 3.61
C HIS D 8 30.12 -37.52 3.05
N SER D 9 31.16 -36.86 3.55
CA SER D 9 32.56 -37.15 3.25
C SER D 9 32.93 -36.80 1.82
N VAL D 10 34.17 -36.33 1.63
CA VAL D 10 34.71 -36.01 0.31
C VAL D 10 36.15 -36.51 0.24
N SER D 11 36.52 -37.08 -0.90
CA SER D 11 37.86 -37.61 -1.10
C SER D 11 38.74 -36.61 -1.82
N GLU D 12 39.95 -36.40 -1.30
CA GLU D 12 40.89 -35.46 -1.90
C GLU D 12 42.31 -35.86 -1.51
N SER D 13 43.27 -35.39 -2.30
CA SER D 13 44.69 -35.62 -2.11
C SER D 13 45.38 -34.34 -1.62
N PRO D 14 46.44 -34.48 -0.82
CA PRO D 14 47.12 -33.28 -0.30
C PRO D 14 47.69 -32.41 -1.42
N GLY D 15 47.69 -31.11 -1.19
CA GLY D 15 48.25 -30.17 -2.13
C GLY D 15 47.28 -29.60 -3.15
N LYS D 16 45.98 -29.78 -2.96
CA LYS D 16 44.98 -29.27 -3.89
C LYS D 16 43.87 -28.60 -3.08
N THR D 17 42.76 -28.29 -3.75
CA THR D 17 41.64 -27.61 -3.12
C THR D 17 40.35 -28.39 -3.34
N VAL D 18 39.46 -28.32 -2.35
CA VAL D 18 38.15 -28.95 -2.42
C VAL D 18 37.11 -27.98 -1.90
N THR D 19 35.87 -28.17 -2.32
CA THR D 19 34.75 -27.35 -1.89
C THR D 19 33.55 -28.25 -1.58
N ILE D 20 32.84 -27.92 -0.50
CA ILE D 20 31.63 -28.63 -0.12
C ILE D 20 30.55 -27.59 0.20
N SER D 21 29.29 -28.00 0.07
CA SER D 21 28.17 -27.11 0.23
C SER D 21 27.01 -27.81 0.93
N CYS D 22 26.34 -27.09 1.82
CA CYS D 22 25.11 -27.56 2.46
C CYS D 22 23.97 -26.73 1.89
N THR D 23 23.38 -27.23 0.81
CA THR D 23 22.33 -26.48 0.12
C THR D 23 21.06 -26.44 0.95
N ARG D 24 20.47 -25.24 1.05
CA ARG D 24 19.24 -25.06 1.81
C ARG D 24 18.07 -25.68 1.05
N SER D 25 17.25 -26.45 1.78
CA SER D 25 16.13 -27.15 1.15
C SER D 25 14.92 -26.22 0.99
N SER D 26 14.42 -25.70 2.10
CA SER D 26 13.23 -24.84 2.10
C SER D 26 13.64 -23.40 2.30
N GLY D 27 13.15 -22.51 1.44
CA GLY D 27 13.47 -21.11 1.53
C GLY D 27 14.66 -20.72 0.66
N SER D 28 15.43 -19.74 1.13
CA SER D 28 16.61 -19.27 0.41
C SER D 28 17.58 -18.67 1.41
N ILE D 29 18.87 -18.91 1.20
CA ILE D 29 19.90 -18.33 2.08
C ILE D 29 20.23 -16.97 1.51
N ALA D 30 19.36 -16.00 1.79
CA ALA D 30 19.60 -14.59 1.50
C ALA D 30 19.19 -13.66 2.62
N SER D 31 18.27 -14.06 3.50
CA SER D 31 17.80 -13.25 4.61
C SER D 31 18.40 -13.69 5.94
N ASN D 32 19.34 -14.65 5.92
CA ASN D 32 20.01 -15.11 7.12
C ASN D 32 21.46 -15.38 6.81
N TYR D 33 22.28 -15.39 7.85
CA TYR D 33 23.70 -15.69 7.72
C TYR D 33 23.93 -17.18 7.90
N VAL D 34 25.11 -17.63 7.46
CA VAL D 34 25.52 -19.02 7.59
C VAL D 34 26.88 -19.06 8.26
N GLN D 35 27.08 -20.05 9.13
CA GLN D 35 28.33 -20.21 9.86
C GLN D 35 28.85 -21.62 9.66
N TRP D 36 30.17 -21.73 9.58
CA TRP D 36 30.85 -23.01 9.41
C TRP D 36 31.69 -23.29 10.65
N TYR D 37 31.49 -24.47 11.23
CA TYR D 37 32.04 -24.85 12.52
C TYR D 37 33.01 -26.00 12.35
N GLN D 38 34.22 -25.84 12.90
CA GLN D 38 35.19 -26.91 13.00
C GLN D 38 34.79 -27.87 14.12
N GLN D 39 35.29 -29.11 14.04
CA GLN D 39 35.10 -30.06 15.12
C GLN D 39 36.20 -31.12 15.03
N ARG D 40 37.10 -31.14 16.01
CA ARG D 40 38.05 -32.23 16.14
C ARG D 40 37.47 -33.29 17.10
N PRO D 41 37.59 -34.57 16.77
CA PRO D 41 37.01 -35.61 17.63
C PRO D 41 37.58 -35.56 19.04
N GLY D 42 36.71 -35.78 20.01
CA GLY D 42 37.10 -35.66 21.41
C GLY D 42 37.49 -34.26 21.81
N SER D 43 36.79 -33.26 21.29
CA SER D 43 37.10 -31.86 21.59
C SER D 43 35.86 -31.01 21.34
N ALA D 44 35.89 -29.80 21.87
CA ALA D 44 34.78 -28.87 21.69
C ALA D 44 34.85 -28.22 20.32
N PRO D 45 33.76 -28.26 19.54
CA PRO D 45 33.78 -27.62 18.22
C PRO D 45 34.09 -26.12 18.32
N THR D 46 34.81 -25.62 17.32
CA THR D 46 35.26 -24.24 17.29
C THR D 46 34.84 -23.57 16.00
N THR D 47 34.66 -22.26 16.07
CA THR D 47 34.28 -21.47 14.91
C THR D 47 35.41 -21.41 13.89
N VAL D 48 35.07 -21.56 12.61
CA VAL D 48 36.06 -21.38 11.56
C VAL D 48 35.57 -20.35 10.55
N ILE D 49 34.27 -20.16 10.41
CA ILE D 49 33.73 -19.20 9.45
C ILE D 49 32.44 -18.60 10.01
N TYR D 50 32.34 -17.27 9.99
CA TYR D 50 31.14 -16.57 10.40
C TYR D 50 30.94 -15.35 9.51
N GLU D 51 29.66 -15.01 9.27
CA GLU D 51 29.26 -13.97 8.30
C GLU D 51 29.83 -14.22 6.90
N ASP D 52 30.18 -15.47 6.61
CA ASP D 52 30.47 -15.99 5.27
C ASP D 52 31.79 -15.49 4.71
N ASN D 53 32.40 -14.48 5.33
CA ASN D 53 33.75 -14.09 4.92
C ASN D 53 34.63 -13.58 6.06
N GLN D 54 34.18 -13.58 7.31
CA GLN D 54 35.08 -13.27 8.41
C GLN D 54 35.97 -14.45 8.75
N ARG D 55 36.97 -14.19 9.59
CA ARG D 55 37.90 -15.20 10.06
C ARG D 55 38.47 -14.77 11.41
N PRO D 56 38.22 -15.53 12.48
CA PRO D 56 38.84 -15.19 13.76
C PRO D 56 40.35 -15.32 13.68
N SER D 57 41.04 -14.49 14.47
CA SER D 57 42.49 -14.44 14.42
C SER D 57 43.11 -15.62 15.17
N GLY D 58 42.70 -16.83 14.82
CA GLY D 58 43.27 -18.04 15.39
C GLY D 58 43.38 -19.14 14.36
N VAL D 59 43.00 -18.85 13.13
CA VAL D 59 42.96 -19.84 12.06
C VAL D 59 43.84 -19.38 10.91
N PRO D 60 44.67 -20.25 10.32
CA PRO D 60 45.45 -19.84 9.15
C PRO D 60 44.57 -19.57 7.95
N ASP D 61 45.06 -18.69 7.08
CA ASP D 61 44.30 -18.25 5.90
C ASP D 61 44.28 -19.36 4.86
N ARG D 62 43.35 -20.29 5.06
CA ARG D 62 43.11 -21.35 4.08
C ARG D 62 41.64 -21.58 3.80
N PHE D 63 40.74 -20.78 4.37
CA PHE D 63 39.31 -20.98 4.23
C PHE D 63 38.66 -19.72 3.66
N SER D 64 37.62 -19.92 2.84
CA SER D 64 36.84 -18.82 2.30
C SER D 64 35.47 -19.35 1.92
N GLY D 65 34.51 -18.43 1.79
CA GLY D 65 33.15 -18.81 1.49
C GLY D 65 32.45 -17.77 0.63
N SER D 66 31.33 -18.18 0.06
CA SER D 66 30.53 -17.31 -0.79
C SER D 66 29.11 -17.87 -0.87
N ILE D 67 28.19 -17.03 -1.33
CA ILE D 67 26.80 -17.39 -1.54
C ILE D 67 26.41 -17.05 -2.97
N ASP D 68 25.87 -18.03 -3.69
CA ASP D 68 25.48 -17.84 -5.08
C ASP D 68 24.00 -17.53 -5.25
N SER D 69 23.15 -18.00 -4.35
CA SER D 69 21.71 -17.75 -4.37
C SER D 69 21.05 -18.30 -5.64
N SER D 70 21.74 -19.16 -6.38
CA SER D 70 21.17 -19.82 -7.55
C SER D 70 20.65 -21.22 -7.20
N SER D 71 21.52 -22.07 -6.66
CA SER D 71 21.14 -23.36 -6.12
C SER D 71 20.95 -23.29 -4.61
N ASN D 72 21.03 -22.09 -4.02
CA ASN D 72 20.89 -21.88 -2.58
C ASN D 72 21.95 -22.69 -1.81
N SER D 73 23.21 -22.37 -2.09
CA SER D 73 24.34 -23.10 -1.52
C SER D 73 25.39 -22.12 -1.02
N ALA D 74 26.27 -22.64 -0.16
CA ALA D 74 27.39 -21.87 0.38
C ALA D 74 28.66 -22.70 0.24
N SER D 75 29.77 -22.02 -0.01
CA SER D 75 31.03 -22.67 -0.32
C SER D 75 31.97 -22.62 0.88
N LEU D 76 32.89 -23.58 0.91
CA LEU D 76 33.91 -23.70 1.95
C LEU D 76 35.27 -23.98 1.32
N THR D 77 35.64 -23.14 0.34
CA THR D 77 36.88 -23.32 -0.40
C THR D 77 38.07 -23.41 0.55
N ILE D 78 38.74 -24.55 0.54
CA ILE D 78 39.93 -24.80 1.35
C ILE D 78 41.11 -25.04 0.42
N SER D 79 42.21 -24.33 0.66
CA SER D 79 43.40 -24.44 -0.16
C SER D 79 44.58 -24.87 0.70
N GLY D 80 45.49 -25.63 0.09
CA GLY D 80 46.69 -26.10 0.78
C GLY D 80 46.38 -27.05 1.91
N LEU D 81 45.84 -28.22 1.58
CA LEU D 81 45.49 -29.21 2.60
C LEU D 81 46.74 -29.76 3.27
N LYS D 82 46.60 -30.08 4.55
CA LYS D 82 47.68 -30.71 5.31
C LYS D 82 47.16 -31.95 6.03
N THR D 83 48.00 -32.55 6.88
CA THR D 83 47.58 -33.72 7.63
C THR D 83 46.81 -33.38 8.89
N GLU D 84 46.76 -32.10 9.28
CA GLU D 84 46.05 -31.66 10.47
C GLU D 84 44.67 -31.11 10.15
N ASP D 85 44.04 -31.59 9.08
CA ASP D 85 42.72 -31.13 8.68
C ASP D 85 41.69 -32.25 8.62
N GLU D 86 42.05 -33.47 8.99
CA GLU D 86 41.11 -34.59 8.98
C GLU D 86 40.17 -34.44 10.18
N ALA D 87 38.99 -33.88 9.94
CA ALA D 87 38.03 -33.62 11.00
C ALA D 87 36.63 -33.55 10.38
N ASP D 88 35.65 -33.20 11.20
CA ASP D 88 34.28 -33.07 10.77
C ASP D 88 33.87 -31.60 10.77
N TYR D 89 33.11 -31.21 9.76
CA TYR D 89 32.70 -29.82 9.57
C TYR D 89 31.19 -29.72 9.66
N TYR D 90 30.70 -28.62 10.24
CA TYR D 90 29.27 -28.38 10.35
C TYR D 90 28.91 -27.02 9.76
N CYS D 91 27.65 -26.88 9.35
CA CYS D 91 27.14 -25.60 8.89
C CYS D 91 25.82 -25.32 9.60
N GLN D 92 25.64 -24.08 10.04
CA GLN D 92 24.52 -23.70 10.87
C GLN D 92 23.97 -22.35 10.44
N SER D 93 22.65 -22.23 10.42
CA SER D 93 21.98 -20.98 10.11
C SER D 93 20.71 -20.89 10.94
N TYR D 94 20.23 -19.66 11.13
CA TYR D 94 19.06 -19.40 11.95
C TYR D 94 17.90 -18.89 11.09
N ASP D 95 16.76 -18.68 11.73
CA ASP D 95 15.59 -18.13 11.08
C ASP D 95 14.80 -17.35 12.14
N SER D 96 13.55 -17.04 11.83
CA SER D 96 12.69 -16.27 12.73
C SER D 96 11.99 -17.13 13.77
N SER D 97 12.19 -18.44 13.76
CA SER D 97 11.48 -19.30 14.69
C SER D 97 12.41 -20.22 15.48
N THR D 98 13.47 -20.73 14.87
CA THR D 98 14.34 -21.70 15.54
C THR D 98 15.73 -21.64 14.93
N VAL D 99 16.62 -22.48 15.45
CA VAL D 99 17.99 -22.61 14.98
C VAL D 99 18.24 -24.08 14.69
N VAL D 100 18.75 -24.37 13.49
CA VAL D 100 18.95 -25.74 13.04
C VAL D 100 20.36 -25.88 12.48
N PHE D 101 20.96 -27.05 12.74
CA PHE D 101 22.28 -27.38 12.23
C PHE D 101 22.15 -28.20 10.95
N GLY D 102 23.26 -28.76 10.48
CA GLY D 102 23.26 -29.54 9.26
C GLY D 102 23.48 -31.02 9.50
N GLY D 103 24.18 -31.66 8.57
CA GLY D 103 24.43 -33.09 8.66
C GLY D 103 25.83 -33.42 9.14
N GLY D 104 26.72 -33.78 8.22
CA GLY D 104 28.08 -34.11 8.57
C GLY D 104 28.97 -34.13 7.35
N THR D 105 30.27 -34.26 7.60
CA THR D 105 31.26 -34.27 6.53
C THR D 105 32.54 -34.88 7.07
N LYS D 106 33.03 -35.93 6.42
CA LYS D 106 34.26 -36.62 6.84
C LYS D 106 35.32 -36.37 5.78
N LEU D 107 36.04 -35.26 5.93
CA LEU D 107 37.16 -34.97 5.04
C LEU D 107 38.29 -35.96 5.28
N THR D 108 38.84 -36.51 4.20
CA THR D 108 39.88 -37.52 4.28
C THR D 108 41.07 -37.12 3.43
N VAL D 109 42.25 -37.58 3.84
CA VAL D 109 43.48 -37.27 3.13
C VAL D 109 43.96 -38.50 2.37
#